data_6WNN
#
_entry.id   6WNN
#
_cell.length_a   58.300
_cell.length_b   60.540
_cell.length_c   62.720
_cell.angle_alpha   96.150
_cell.angle_beta   106.040
_cell.angle_gamma   99.230
#
_symmetry.space_group_name_H-M   'P 1'
#
loop_
_entity.id
_entity.type
_entity.pdbx_description
1 polymer 'Adenosylmethionine-8-amino-7-oxononanoate aminotransferase'
2 non-polymer '(2S)-2-amino-6-[[3-hydroxy-2-methyl-5-(phosphonooxymethyl)pyridin-4-yl]methylideneamino]hexanoic acid'
3 non-polymer "4'-DEOXY-4'-AMINOPYRIDOXAL-5'-PHOSPHATE"
#
_entity_poly.entity_id   1
_entity_poly.type   'polypeptide(L)'
_entity_poly.pdbx_seq_one_letter_code
;MTHDLIEKSKKHLWLPFTQMKDYDENPLIIESGTGIKVKDINGKEYYDGFSSVWLNVHGHRKKELDDAIKKQLGKIAHST
LLGMTNVPATQLAETLIDISPKKLTRVFYSDSGAEAMEIALKMAFQYWKNIGKPEKQKFIAMKNGYHGDTIGAVSVGSIE
LFHHVYGPLMFESYKAPIPYVYRSESGDPDECRDQCLRELAQLLEEHHEEIAALSIESMVQGASGMIVMPEGYLAGVREL
CTTYDVLMIVDEVATGFGRTGKMFACEHENVQPDLMAAGKGITGGYLPIAVTFATEDIYKAFYDDYENLKTFFHGHSYTG
NQLGCAVALENLALFESENIVEQVAEKSKKLHFLLQDLHALPHVGDIRQLGFMCGAELVRSKETKEPYPADRRIGYKVSL
KMRELGMLTRPLGDVIAFLPPLASTAEELSEMVAIMKQAIHEVTSLEDHHHHHH
;
_entity_poly.pdbx_strand_id   A,B
#
# COMPACT_ATOMS: atom_id res chain seq x y z
N ASP A 4 -14.09 26.29 8.00
CA ASP A 4 -13.85 25.43 9.19
C ASP A 4 -13.02 24.23 8.77
N LEU A 5 -13.56 23.44 7.82
CA LEU A 5 -12.80 22.35 7.19
C LEU A 5 -11.47 22.84 6.58
N ILE A 6 -11.48 24.03 6.00
CA ILE A 6 -10.25 24.64 5.44
C ILE A 6 -9.24 24.83 6.57
N GLU A 7 -9.63 25.57 7.60
CA GLU A 7 -8.78 25.81 8.75
C GLU A 7 -8.31 24.47 9.35
N LYS A 8 -9.25 23.53 9.52
CA LYS A 8 -8.97 22.13 9.94
C LYS A 8 -7.95 21.40 9.05
N SER A 9 -8.20 21.32 7.75
CA SER A 9 -7.27 20.66 6.84
C SER A 9 -5.85 21.18 7.07
N LYS A 10 -5.72 22.49 7.26
CA LYS A 10 -4.40 23.17 7.42
C LYS A 10 -3.66 22.91 8.74
N LYS A 11 -4.37 22.49 9.77
CA LYS A 11 -3.79 22.35 11.08
C LYS A 11 -3.51 20.90 11.44
N HIS A 12 -4.21 19.94 10.84
CA HIS A 12 -4.06 18.51 11.16
C HIS A 12 -3.44 17.62 10.05
N LEU A 13 -3.58 18.00 8.77
CA LEU A 13 -3.12 17.11 7.67
C LEU A 13 -1.65 17.30 7.31
N TRP A 14 -1.07 16.23 6.80
CA TRP A 14 0.20 16.24 6.10
C TRP A 14 -0.02 15.54 4.77
N LEU A 15 -0.06 16.31 3.69
CA LEU A 15 -0.45 15.76 2.41
C LEU A 15 0.71 15.23 1.62
N PRO A 16 0.49 14.22 0.74
CA PRO A 16 1.60 13.66 -0.02
C PRO A 16 2.13 14.57 -1.19
N PHE A 17 3.42 14.47 -1.45
CA PHE A 17 4.11 15.16 -2.57
C PHE A 17 3.69 16.62 -2.66
N THR A 18 3.64 17.30 -1.51
CA THR A 18 3.15 18.67 -1.47
C THR A 18 3.86 19.45 -0.41
N GLN A 19 4.38 20.62 -0.75
CA GLN A 19 4.71 21.61 0.26
C GLN A 19 3.44 22.22 0.82
N MET A 20 3.20 21.99 2.10
CA MET A 20 1.99 22.41 2.78
C MET A 20 1.92 23.91 2.85
N LYS A 21 3.07 24.58 2.90
CA LYS A 21 3.16 26.04 2.67
C LYS A 21 2.40 26.47 1.41
N ASP A 22 2.51 25.69 0.33
CA ASP A 22 1.76 25.95 -0.88
C ASP A 22 0.26 25.68 -0.68
N TYR A 23 -0.07 24.53 -0.09
CA TYR A 23 -1.47 24.21 0.20
C TYR A 23 -2.14 25.31 1.05
N ASP A 24 -1.36 26.02 1.87
CA ASP A 24 -1.87 27.10 2.72
C ASP A 24 -2.16 28.43 2.03
N GLU A 25 -1.46 28.75 0.96
CA GLU A 25 -1.85 29.88 0.13
C GLU A 25 -3.09 29.47 -0.67
N ASN A 26 -3.18 28.19 -1.06
CA ASN A 26 -4.16 27.69 -2.04
C ASN A 26 -4.84 26.33 -1.72
N PRO A 27 -5.64 26.28 -0.65
CA PRO A 27 -6.23 25.03 -0.30
C PRO A 27 -7.46 24.72 -1.12
N LEU A 28 -7.84 23.46 -1.06
CA LEU A 28 -8.89 22.92 -1.89
C LEU A 28 -9.38 21.66 -1.20
N ILE A 29 -10.70 21.51 -1.09
CA ILE A 29 -11.30 20.40 -0.37
C ILE A 29 -12.49 19.92 -1.17
N ILE A 30 -12.33 18.78 -1.84
CA ILE A 30 -13.42 18.20 -2.62
C ILE A 30 -14.47 17.66 -1.65
N GLU A 31 -15.74 17.79 -2.05
CA GLU A 31 -16.90 17.24 -1.33
C GLU A 31 -17.61 16.12 -2.10
N SER A 32 -17.70 16.29 -3.42
CA SER A 32 -18.45 15.40 -4.29
C SER A 32 -18.00 15.43 -5.74
N GLY A 33 -18.48 14.48 -6.54
CA GLY A 33 -18.27 14.55 -8.00
C GLY A 33 -19.30 13.79 -8.81
N THR A 34 -19.41 14.16 -10.08
CA THR A 34 -20.51 13.67 -10.94
C THR A 34 -19.97 13.45 -12.36
N GLY A 35 -19.92 12.20 -12.80
CA GLY A 35 -19.24 11.90 -14.06
C GLY A 35 -17.84 12.45 -13.97
N ILE A 36 -17.43 13.26 -14.94
CA ILE A 36 -16.05 13.75 -15.00
C ILE A 36 -15.83 15.12 -14.35
N LYS A 37 -16.64 15.46 -13.34
CA LYS A 37 -16.51 16.76 -12.64
C LYS A 37 -16.47 16.52 -11.14
N VAL A 38 -15.71 17.37 -10.45
CA VAL A 38 -15.67 17.39 -8.99
C VAL A 38 -16.10 18.79 -8.49
N LYS A 39 -16.61 18.80 -7.25
CA LYS A 39 -17.25 19.95 -6.63
C LYS A 39 -16.62 20.22 -5.28
N ASP A 40 -15.87 21.32 -5.17
CA ASP A 40 -15.23 21.64 -3.89
C ASP A 40 -16.25 22.02 -2.81
N ILE A 41 -15.80 22.31 -1.59
CA ILE A 41 -16.72 22.67 -0.48
C ILE A 41 -17.45 24.01 -0.61
N ASN A 42 -16.82 24.97 -1.29
CA ASN A 42 -17.45 26.25 -1.59
C ASN A 42 -18.35 26.24 -2.84
N GLY A 43 -18.60 25.05 -3.37
CA GLY A 43 -19.59 24.87 -4.40
C GLY A 43 -18.95 24.68 -5.75
N LYS A 44 -17.73 25.19 -5.95
CA LYS A 44 -17.08 25.29 -7.27
C LYS A 44 -16.92 23.93 -7.99
N GLU A 45 -16.92 23.97 -9.32
CA GLU A 45 -16.84 22.77 -10.16
C GLU A 45 -15.58 22.77 -10.98
N TYR A 46 -15.01 21.58 -11.19
CA TYR A 46 -13.78 21.48 -11.96
C TYR A 46 -13.87 20.28 -12.85
N TYR A 47 -13.25 20.39 -14.01
CA TYR A 47 -13.00 19.19 -14.82
C TYR A 47 -11.85 18.39 -14.15
N ASP A 48 -12.03 17.09 -14.06
CA ASP A 48 -11.00 16.24 -13.46
C ASP A 48 -9.99 15.84 -14.53
N GLY A 49 -9.20 16.80 -14.98
CA GLY A 49 -8.26 16.60 -16.11
C GLY A 49 -6.96 15.87 -15.75
N PHE A 50 -6.98 15.16 -14.63
CA PHE A 50 -5.96 14.21 -14.29
C PHE A 50 -6.51 12.92 -13.76
N SER A 51 -7.79 12.66 -14.06
CA SER A 51 -8.49 11.46 -13.63
C SER A 51 -8.21 11.08 -12.17
N SER A 52 -8.04 12.09 -11.33
CA SER A 52 -7.63 11.96 -9.95
C SER A 52 -6.28 11.30 -9.78
N VAL A 53 -5.36 11.69 -10.63
CA VAL A 53 -4.02 11.11 -10.70
C VAL A 53 -4.08 9.71 -11.32
N TRP A 54 -4.70 9.68 -12.50
CA TRP A 54 -4.56 8.59 -13.48
C TRP A 54 -5.30 7.31 -13.01
N LEU A 55 -6.34 7.48 -12.20
CA LEU A 55 -7.08 6.38 -11.57
C LEU A 55 -8.46 6.19 -12.21
N ASN A 56 -9.10 7.32 -12.44
CA ASN A 56 -10.51 7.35 -12.73
C ASN A 56 -10.72 7.03 -14.22
N VAL A 57 -11.66 6.14 -14.46
CA VAL A 57 -11.89 5.61 -15.78
C VAL A 57 -13.28 6.03 -16.28
N HIS A 58 -14.31 5.73 -15.50
CA HIS A 58 -15.69 5.87 -15.95
C HIS A 58 -16.38 7.16 -15.52
N GLY A 59 -15.83 7.87 -14.54
CA GLY A 59 -16.46 9.06 -13.97
C GLY A 59 -16.64 8.92 -12.48
N HIS A 60 -16.87 10.03 -11.78
CA HIS A 60 -17.32 10.00 -10.38
C HIS A 60 -18.80 9.63 -10.27
N ARG A 61 -19.12 8.92 -9.20
CA ARG A 61 -20.49 8.45 -8.91
C ARG A 61 -21.09 7.76 -10.13
N LYS A 62 -20.57 6.57 -10.43
CA LYS A 62 -21.03 5.69 -11.49
C LYS A 62 -21.82 4.58 -10.83
N LYS A 63 -23.09 4.49 -11.20
CA LYS A 63 -24.05 3.57 -10.55
C LYS A 63 -23.57 2.12 -10.48
N GLU A 64 -23.04 1.61 -11.60
CA GLU A 64 -22.62 0.22 -11.73
C GLU A 64 -21.57 -0.13 -10.69
N LEU A 65 -20.54 0.71 -10.61
CA LEU A 65 -19.52 0.55 -9.59
C LEU A 65 -20.10 0.83 -8.22
N ASP A 66 -20.93 1.88 -8.11
CA ASP A 66 -21.66 2.09 -6.86
C ASP A 66 -22.34 0.76 -6.44
N ASP A 67 -22.99 0.10 -7.41
CA ASP A 67 -23.80 -1.11 -7.16
C ASP A 67 -23.01 -2.30 -6.65
N ALA A 68 -21.97 -2.67 -7.39
CA ALA A 68 -21.13 -3.81 -7.00
C ALA A 68 -20.60 -3.74 -5.54
N ILE A 69 -20.21 -2.55 -5.06
CA ILE A 69 -19.71 -2.40 -3.66
C ILE A 69 -20.83 -2.65 -2.65
N LYS A 70 -22.01 -2.12 -2.93
CA LYS A 70 -23.19 -2.42 -2.10
C LYS A 70 -23.53 -3.91 -2.17
N LYS A 71 -23.63 -4.44 -3.39
CA LYS A 71 -23.85 -5.87 -3.57
C LYS A 71 -22.92 -6.63 -2.64
N GLN A 72 -21.62 -6.48 -2.92
CA GLN A 72 -20.58 -7.18 -2.20
C GLN A 72 -20.67 -6.93 -0.69
N LEU A 73 -20.93 -5.69 -0.30
CA LEU A 73 -21.05 -5.29 1.12
C LEU A 73 -21.87 -6.24 2.00
N GLY A 74 -22.99 -6.70 1.43
CA GLY A 74 -23.88 -7.64 2.11
C GLY A 74 -23.50 -9.12 2.02
N LYS A 75 -22.30 -9.43 1.50
CA LYS A 75 -21.69 -10.75 1.69
C LYS A 75 -20.69 -10.60 2.81
N ILE A 76 -19.64 -9.84 2.53
CA ILE A 76 -18.52 -9.66 3.44
C ILE A 76 -17.57 -8.61 2.86
N ALA A 77 -17.15 -7.68 3.71
CA ALA A 77 -16.28 -6.59 3.29
C ALA A 77 -14.81 -7.02 3.19
N HIS A 78 -14.28 -7.75 4.18
CA HIS A 78 -12.88 -8.18 4.07
C HIS A 78 -12.45 -9.44 4.80
N SER A 79 -12.08 -10.45 4.02
CA SER A 79 -11.50 -11.68 4.56
C SER A 79 -10.15 -11.93 3.88
N THR A 80 -9.21 -12.47 4.65
CA THR A 80 -7.79 -12.48 4.31
C THR A 80 -7.41 -13.47 3.19
N LEU A 81 -6.27 -13.17 2.55
CA LEU A 81 -5.63 -14.04 1.56
C LEU A 81 -4.32 -14.65 2.11
N LEU A 82 -4.02 -14.45 3.39
CA LEU A 82 -2.97 -15.20 4.06
C LEU A 82 -3.44 -16.61 4.29
N GLY A 83 -3.15 -17.50 3.35
CA GLY A 83 -3.30 -18.94 3.54
C GLY A 83 -4.63 -19.52 3.07
N MET A 84 -5.44 -18.66 2.44
CA MET A 84 -6.77 -18.99 1.97
C MET A 84 -7.12 -17.93 0.96
N THR A 85 -8.35 -17.94 0.45
CA THR A 85 -8.75 -16.94 -0.53
C THR A 85 -10.20 -16.54 -0.33
N ASN A 86 -10.77 -15.93 -1.37
CA ASN A 86 -12.16 -15.52 -1.36
C ASN A 86 -12.64 -15.39 -2.78
N VAL A 87 -13.96 -15.31 -2.93
CA VAL A 87 -14.60 -15.52 -4.24
C VAL A 87 -14.25 -14.45 -5.30
N PRO A 88 -14.35 -13.13 -4.95
CA PRO A 88 -14.04 -12.08 -5.96
C PRO A 88 -12.60 -12.08 -6.47
N ALA A 89 -11.66 -12.29 -5.56
CA ALA A 89 -10.22 -12.39 -5.90
C ALA A 89 -9.96 -13.55 -6.87
N THR A 90 -10.61 -14.70 -6.60
CA THR A 90 -10.47 -15.90 -7.44
C THR A 90 -11.10 -15.75 -8.84
N GLN A 91 -12.14 -14.91 -8.92
CA GLN A 91 -12.82 -14.58 -10.19
C GLN A 91 -12.08 -13.50 -10.97
N LEU A 92 -11.80 -12.40 -10.27
CA LEU A 92 -11.02 -11.31 -10.82
C LEU A 92 -9.74 -11.84 -11.45
N ALA A 93 -9.09 -12.80 -10.79
CA ALA A 93 -7.78 -13.29 -11.26
C ALA A 93 -7.92 -13.98 -12.60
N GLU A 94 -8.85 -14.94 -12.69
CA GLU A 94 -9.25 -15.53 -13.98
C GLU A 94 -9.36 -14.44 -15.05
N THR A 95 -10.19 -13.44 -14.75
CA THR A 95 -10.39 -12.29 -15.63
C THR A 95 -9.06 -11.65 -15.97
N LEU A 96 -8.29 -11.33 -14.93
CA LEU A 96 -7.04 -10.60 -15.12
C LEU A 96 -6.06 -11.40 -15.99
N ILE A 97 -6.06 -12.72 -15.83
CA ILE A 97 -5.27 -13.60 -16.70
C ILE A 97 -5.68 -13.51 -18.20
N ASP A 98 -6.97 -13.50 -18.52
CA ASP A 98 -7.35 -13.41 -19.94
C ASP A 98 -6.93 -12.09 -20.61
N ILE A 99 -7.16 -10.96 -19.93
CA ILE A 99 -6.80 -9.67 -20.52
C ILE A 99 -5.30 -9.38 -20.42
N SER A 100 -4.60 -10.02 -19.46
CA SER A 100 -3.12 -9.90 -19.41
C SER A 100 -2.52 -10.62 -20.62
N PRO A 101 -1.28 -10.27 -20.99
CA PRO A 101 -0.51 -11.09 -21.93
C PRO A 101 -0.48 -12.60 -21.61
N LYS A 102 -0.01 -13.37 -22.60
CA LYS A 102 -0.14 -14.84 -22.58
C LYS A 102 0.72 -15.41 -21.48
N LYS A 103 1.98 -15.03 -21.48
CA LYS A 103 2.93 -15.56 -20.53
C LYS A 103 2.59 -15.35 -19.07
N LEU A 104 1.87 -14.26 -18.76
CA LEU A 104 1.50 -13.93 -17.37
C LEU A 104 0.25 -14.66 -16.94
N THR A 105 0.43 -15.73 -16.16
CA THR A 105 -0.65 -16.58 -15.63
C THR A 105 -0.76 -16.64 -14.10
N ARG A 106 0.09 -15.92 -13.36
CA ARG A 106 -0.24 -15.66 -11.94
C ARG A 106 -0.48 -14.22 -11.57
N VAL A 107 -1.27 -14.06 -10.52
CA VAL A 107 -1.70 -12.82 -9.91
C VAL A 107 -1.32 -12.81 -8.42
N PHE A 108 -0.39 -11.91 -8.08
CA PHE A 108 -0.11 -11.56 -6.72
C PHE A 108 -0.70 -10.16 -6.43
N TYR A 109 -1.49 -10.05 -5.37
CA TYR A 109 -2.26 -8.86 -5.08
C TYR A 109 -1.55 -7.99 -4.07
N SER A 110 -1.97 -6.71 -4.01
CA SER A 110 -1.46 -5.73 -3.07
C SER A 110 -2.37 -4.48 -3.04
N ASP A 111 -2.03 -3.51 -2.20
CA ASP A 111 -2.82 -2.27 -2.01
C ASP A 111 -2.38 -1.06 -2.83
N SER A 112 -1.21 -1.08 -3.48
CA SER A 112 -0.74 0.08 -4.27
C SER A 112 0.23 -0.29 -5.41
N GLY A 113 0.39 0.62 -6.39
CA GLY A 113 1.33 0.47 -7.49
C GLY A 113 2.77 0.37 -6.97
N ALA A 114 3.15 1.27 -6.09
CA ALA A 114 4.45 1.23 -5.50
C ALA A 114 4.75 -0.15 -4.92
N GLU A 115 3.75 -0.74 -4.23
CA GLU A 115 3.83 -2.09 -3.64
C GLU A 115 3.91 -3.21 -4.69
N ALA A 116 3.11 -3.06 -5.75
CA ALA A 116 3.11 -3.97 -6.87
C ALA A 116 4.47 -4.04 -7.57
N MET A 117 5.16 -2.91 -7.69
CA MET A 117 6.59 -2.90 -8.08
C MET A 117 7.50 -3.54 -7.03
N GLU A 118 7.36 -3.11 -5.79
CA GLU A 118 8.15 -3.69 -4.72
C GLU A 118 8.11 -5.21 -4.68
N ILE A 119 6.92 -5.79 -4.79
CA ILE A 119 6.76 -7.26 -4.94
C ILE A 119 7.50 -7.86 -6.15
N ALA A 120 7.24 -7.32 -7.35
CA ALA A 120 8.02 -7.65 -8.54
C ALA A 120 9.53 -7.66 -8.35
N LEU A 121 10.10 -6.71 -7.63
CA LEU A 121 11.57 -6.70 -7.41
C LEU A 121 12.00 -7.85 -6.54
N LYS A 122 11.25 -8.05 -5.46
CA LYS A 122 11.49 -9.19 -4.60
C LYS A 122 11.29 -10.53 -5.29
N MET A 123 10.22 -10.70 -6.07
CA MET A 123 10.01 -11.91 -6.88
C MET A 123 11.21 -12.18 -7.81
N ALA A 124 11.55 -11.19 -8.64
CA ALA A 124 12.72 -11.22 -9.53
C ALA A 124 14.04 -11.47 -8.79
N PHE A 125 14.27 -10.74 -7.71
CA PHE A 125 15.44 -10.99 -6.86
C PHE A 125 15.48 -12.43 -6.37
N GLN A 126 14.40 -12.82 -5.72
CA GLN A 126 14.36 -14.09 -5.06
C GLN A 126 14.32 -15.23 -6.10
N TYR A 127 13.78 -14.96 -7.28
CA TYR A 127 13.66 -15.96 -8.33
C TYR A 127 14.99 -16.66 -8.57
N TRP A 128 16.05 -15.89 -8.72
CA TRP A 128 17.33 -16.45 -9.01
C TRP A 128 17.92 -17.22 -7.82
N LYS A 129 17.69 -16.77 -6.59
CA LYS A 129 18.13 -17.51 -5.40
C LYS A 129 17.55 -18.91 -5.41
N ASN A 130 16.27 -19.03 -5.75
CA ASN A 130 15.57 -20.32 -5.66
C ASN A 130 15.96 -21.31 -6.78
N ILE A 131 16.60 -20.83 -7.84
CA ILE A 131 16.96 -21.70 -8.98
C ILE A 131 18.45 -22.09 -9.03
N GLY A 132 19.30 -21.36 -8.30
CA GLY A 132 20.75 -21.65 -8.22
C GLY A 132 21.73 -20.54 -8.61
N LYS A 133 21.24 -19.38 -9.02
CA LYS A 133 22.11 -18.28 -9.47
C LYS A 133 21.97 -17.04 -8.62
N PRO A 134 22.31 -17.08 -7.32
CA PRO A 134 22.15 -15.91 -6.43
C PRO A 134 22.98 -14.66 -6.76
N GLU A 135 24.05 -14.85 -7.54
CA GLU A 135 24.88 -13.74 -8.07
C GLU A 135 24.06 -12.81 -8.93
N LYS A 136 23.06 -13.37 -9.60
CA LYS A 136 21.98 -12.56 -10.20
C LYS A 136 21.25 -11.76 -9.12
N GLN A 137 21.57 -10.47 -9.03
CA GLN A 137 21.06 -9.61 -7.95
C GLN A 137 20.97 -8.08 -8.18
N LYS A 138 21.74 -7.52 -9.10
CA LYS A 138 21.61 -6.13 -9.40
C LYS A 138 20.42 -5.93 -10.36
N PHE A 139 19.83 -4.73 -10.35
CA PHE A 139 18.77 -4.36 -11.30
C PHE A 139 19.22 -3.29 -12.27
N ILE A 140 18.49 -3.13 -13.35
CA ILE A 140 18.71 -2.02 -14.25
C ILE A 140 17.48 -1.15 -14.21
N ALA A 141 17.70 0.10 -13.83
CA ALA A 141 16.65 1.12 -13.84
C ALA A 141 16.80 2.06 -15.06
N MET A 142 15.70 2.28 -15.78
CA MET A 142 15.70 3.21 -16.89
C MET A 142 15.73 4.62 -16.35
N LYS A 143 16.71 5.39 -16.80
CA LYS A 143 17.06 6.65 -16.17
C LYS A 143 15.85 7.54 -16.01
N ASN A 144 15.71 8.11 -14.81
CA ASN A 144 14.55 8.93 -14.39
C ASN A 144 13.26 8.12 -14.28
N GLY A 145 13.40 6.81 -14.09
CA GLY A 145 12.25 5.91 -13.99
C GLY A 145 11.65 5.89 -12.59
N TYR A 146 10.49 6.55 -12.45
CA TYR A 146 9.70 6.59 -11.22
C TYR A 146 8.89 5.30 -11.15
N HIS A 147 9.21 4.47 -10.17
CA HIS A 147 8.48 3.22 -9.91
C HIS A 147 7.69 3.35 -8.59
N SER A 173 22.04 -0.50 -8.38
CA SER A 173 21.29 -0.43 -9.61
C SER A 173 22.02 0.39 -10.71
N TYR A 174 22.36 -0.26 -11.82
CA TYR A 174 22.96 0.42 -12.98
C TYR A 174 21.83 1.22 -13.64
N LYS A 175 22.08 2.50 -13.92
CA LYS A 175 21.10 3.36 -14.58
C LYS A 175 21.36 3.16 -16.06
N ALA A 176 20.32 3.08 -16.89
CA ALA A 176 20.51 2.86 -18.35
C ALA A 176 19.68 3.86 -19.18
N PRO A 177 20.29 4.44 -20.24
CA PRO A 177 19.63 5.55 -20.93
C PRO A 177 18.34 5.18 -21.65
N ILE A 178 17.44 6.17 -21.73
CA ILE A 178 16.10 5.99 -22.32
C ILE A 178 15.84 7.17 -23.29
N PRO A 179 15.30 6.86 -24.48
CA PRO A 179 15.35 7.85 -25.54
C PRO A 179 14.35 8.96 -25.35
N TYR A 180 14.86 10.16 -25.10
CA TYR A 180 14.06 11.40 -25.02
C TYR A 180 14.30 12.24 -26.30
N VAL A 181 13.40 12.11 -27.28
CA VAL A 181 13.63 12.64 -28.64
C VAL A 181 13.75 14.16 -28.67
N TYR A 182 12.78 14.84 -28.05
CA TYR A 182 12.71 16.31 -28.08
C TYR A 182 14.04 17.01 -27.68
N ARG A 183 14.76 16.48 -26.71
CA ARG A 183 16.05 17.05 -26.32
C ARG A 183 17.26 16.22 -26.74
N SER A 184 17.06 15.31 -27.69
CA SER A 184 18.10 14.46 -28.23
C SER A 184 18.75 15.08 -29.45
N GLU A 185 20.07 14.93 -29.54
CA GLU A 185 20.86 15.52 -30.63
C GLU A 185 20.15 15.32 -31.98
N SER A 186 19.88 14.06 -32.27
CA SER A 186 19.21 13.62 -33.48
C SER A 186 18.06 14.55 -33.87
N GLY A 187 17.07 14.70 -32.99
CA GLY A 187 15.72 15.13 -33.40
C GLY A 187 14.98 14.00 -34.11
N ASP A 188 15.76 13.10 -34.71
CA ASP A 188 15.32 11.85 -35.31
C ASP A 188 15.05 10.83 -34.21
N PRO A 189 13.80 10.27 -34.18
CA PRO A 189 13.49 9.21 -33.25
C PRO A 189 14.43 8.02 -33.35
N ASP A 190 14.38 7.29 -34.45
CA ASP A 190 15.01 5.95 -34.54
C ASP A 190 16.51 5.99 -34.23
N GLU A 191 17.15 7.11 -34.54
CA GLU A 191 18.53 7.30 -34.16
C GLU A 191 18.68 7.41 -32.63
N CYS A 192 17.78 8.17 -31.97
CA CYS A 192 17.72 8.18 -30.49
C CYS A 192 17.22 6.84 -29.94
N ARG A 193 16.29 6.18 -30.63
CA ARG A 193 15.84 4.82 -30.27
C ARG A 193 16.98 3.82 -30.21
N ASP A 194 17.65 3.63 -31.35
CA ASP A 194 18.64 2.57 -31.50
C ASP A 194 19.91 2.85 -30.69
N GLN A 195 20.31 4.12 -30.59
CA GLN A 195 21.45 4.54 -29.76
C GLN A 195 21.32 4.12 -28.28
N CYS A 196 20.11 4.16 -27.75
CA CYS A 196 19.88 3.76 -26.38
C CYS A 196 19.90 2.23 -26.23
N LEU A 197 19.23 1.54 -27.16
CA LEU A 197 19.26 0.07 -27.22
C LEU A 197 20.65 -0.57 -27.21
N ARG A 198 21.63 0.09 -27.83
CA ARG A 198 23.02 -0.38 -27.89
C ARG A 198 23.68 -0.15 -26.55
N GLU A 199 23.58 1.08 -26.03
CA GLU A 199 24.12 1.44 -24.70
C GLU A 199 23.65 0.49 -23.59
N LEU A 200 22.41 -0.01 -23.74
CA LEU A 200 21.91 -1.10 -22.89
C LEU A 200 22.61 -2.44 -23.19
N ALA A 201 22.93 -2.71 -24.46
CA ALA A 201 23.70 -3.91 -24.82
C ALA A 201 25.14 -3.87 -24.27
N GLN A 202 25.83 -2.74 -24.41
CA GLN A 202 27.15 -2.55 -23.80
C GLN A 202 27.14 -2.71 -22.27
N LEU A 203 26.01 -2.39 -21.65
CA LEU A 203 25.84 -2.64 -20.23
C LEU A 203 25.62 -4.14 -20.01
N LEU A 204 24.61 -4.69 -20.66
CA LEU A 204 24.28 -6.13 -20.60
C LEU A 204 25.42 -7.09 -21.01
N GLU A 205 26.32 -6.68 -21.90
CA GLU A 205 27.45 -7.54 -22.30
C GLU A 205 28.40 -7.71 -21.11
N GLU A 206 28.81 -6.59 -20.54
CA GLU A 206 29.87 -6.55 -19.53
C GLU A 206 29.37 -6.71 -18.10
N HIS A 207 28.07 -6.91 -17.88
CA HIS A 207 27.52 -7.07 -16.51
C HIS A 207 26.36 -8.05 -16.34
N HIS A 208 25.98 -8.84 -17.36
CA HIS A 208 24.70 -9.61 -17.29
C HIS A 208 24.59 -10.71 -16.23
N GLU A 209 25.71 -11.26 -15.76
CA GLU A 209 25.69 -12.38 -14.79
C GLU A 209 25.37 -11.91 -13.38
N GLU A 210 25.47 -10.60 -13.16
CA GLU A 210 25.14 -9.95 -11.90
C GLU A 210 23.69 -9.48 -11.89
N ILE A 211 23.07 -9.35 -13.05
CA ILE A 211 21.78 -8.70 -13.18
C ILE A 211 20.56 -9.65 -12.98
N ALA A 212 19.70 -9.30 -12.03
CA ALA A 212 18.44 -10.01 -11.84
C ALA A 212 17.44 -9.58 -12.90
N ALA A 213 17.15 -8.29 -12.93
CA ALA A 213 16.06 -7.80 -13.72
C ALA A 213 16.34 -6.44 -14.28
N LEU A 214 15.46 -6.06 -15.18
CA LEU A 214 15.40 -4.75 -15.71
C LEU A 214 14.02 -4.23 -15.44
N SER A 215 13.94 -2.95 -15.09
CA SER A 215 12.66 -2.32 -14.77
C SER A 215 12.33 -1.21 -15.74
N ILE A 216 11.15 -1.21 -16.32
CA ILE A 216 10.82 -0.19 -17.32
C ILE A 216 9.32 0.15 -17.36
N GLU A 217 8.98 1.45 -17.48
CA GLU A 217 7.59 1.85 -17.71
C GLU A 217 7.11 1.31 -19.07
N SER A 218 5.87 0.83 -19.13
CA SER A 218 5.29 0.36 -20.39
C SER A 218 4.88 1.52 -21.31
N MET A 219 5.72 1.84 -22.30
CA MET A 219 5.45 2.79 -23.41
C MET A 219 5.62 4.24 -23.08
N VAL A 220 5.36 4.67 -21.83
CA VAL A 220 5.51 6.08 -21.46
C VAL A 220 6.11 6.30 -20.10
N GLN A 221 7.19 7.08 -20.06
CA GLN A 221 7.73 7.64 -18.82
C GLN A 221 6.79 8.69 -18.30
N GLY A 222 6.04 8.35 -17.26
CA GLY A 222 5.08 9.26 -16.66
C GLY A 222 5.69 10.40 -15.88
N ALA A 223 6.20 10.11 -14.69
CA ALA A 223 6.66 11.18 -13.80
C ALA A 223 7.79 12.00 -14.42
N SER A 224 8.66 11.33 -15.17
CA SER A 224 9.75 11.99 -15.90
C SER A 224 9.24 13.18 -16.69
N GLY A 225 8.14 12.98 -17.41
CA GLY A 225 7.38 14.09 -17.95
C GLY A 225 6.59 13.70 -19.16
N MET A 226 5.79 12.64 -19.04
CA MET A 226 5.04 12.12 -20.18
C MET A 226 5.89 11.95 -21.46
N ILE A 227 7.08 11.36 -21.29
CA ILE A 227 7.98 11.12 -22.40
C ILE A 227 7.58 9.81 -23.06
N VAL A 228 7.21 9.85 -24.33
CA VAL A 228 6.81 8.65 -25.03
C VAL A 228 8.01 8.04 -25.72
N MET A 229 8.10 6.71 -25.69
CA MET A 229 9.20 5.98 -26.36
C MET A 229 8.90 5.72 -27.84
N PRO A 230 9.95 5.82 -28.69
CA PRO A 230 9.87 5.32 -30.04
C PRO A 230 9.38 3.89 -30.13
N GLU A 231 8.44 3.66 -31.05
CA GLU A 231 8.02 2.33 -31.45
C GLU A 231 9.22 1.39 -31.70
N GLY A 232 9.11 0.17 -31.17
CA GLY A 232 10.23 -0.75 -31.06
C GLY A 232 11.44 -0.21 -30.32
N TYR A 233 11.21 0.55 -29.24
CA TYR A 233 12.23 0.70 -28.22
C TYR A 233 11.98 -0.42 -27.26
N LEU A 234 10.74 -0.49 -26.78
CA LEU A 234 10.30 -1.53 -25.85
C LEU A 234 10.38 -2.94 -26.43
N ALA A 235 10.21 -3.06 -27.75
CA ALA A 235 10.44 -4.35 -28.43
C ALA A 235 11.90 -4.75 -28.29
N GLY A 236 12.77 -3.80 -28.52
CA GLY A 236 14.21 -4.01 -28.47
C GLY A 236 14.76 -4.26 -27.08
N VAL A 237 14.16 -3.61 -26.08
CA VAL A 237 14.49 -3.87 -24.67
C VAL A 237 14.15 -5.33 -24.34
N ARG A 238 12.98 -5.77 -24.81
CA ARG A 238 12.51 -7.13 -24.56
C ARG A 238 13.26 -8.24 -25.28
N GLU A 239 13.84 -7.97 -26.44
CA GLU A 239 14.55 -9.04 -27.13
C GLU A 239 15.97 -9.19 -26.62
N LEU A 240 16.51 -8.12 -26.05
CA LEU A 240 17.82 -8.09 -25.44
C LEU A 240 17.70 -8.77 -24.09
N CYS A 241 16.67 -8.42 -23.33
CA CYS A 241 16.44 -9.04 -22.01
C CYS A 241 16.35 -10.57 -22.08
N THR A 242 15.67 -11.11 -23.07
CA THR A 242 15.74 -12.55 -23.40
C THR A 242 17.18 -13.07 -23.76
N THR A 243 17.90 -12.38 -24.63
CA THR A 243 19.23 -12.83 -25.03
C THR A 243 20.24 -12.93 -23.86
N TYR A 244 20.06 -12.15 -22.81
CA TYR A 244 20.96 -12.19 -21.69
C TYR A 244 20.37 -12.74 -20.37
N ASP A 245 19.25 -13.46 -20.39
CA ASP A 245 18.71 -14.05 -19.12
C ASP A 245 18.51 -13.03 -17.96
N VAL A 246 18.11 -11.82 -18.29
CA VAL A 246 17.67 -10.83 -17.32
C VAL A 246 16.17 -10.77 -17.41
N LEU A 247 15.52 -10.57 -16.27
CA LEU A 247 14.08 -10.52 -16.22
C LEU A 247 13.58 -9.11 -16.54
N MET A 248 12.44 -9.04 -17.20
CA MET A 248 11.91 -7.78 -17.69
C MET A 248 10.74 -7.42 -16.80
N ILE A 249 10.90 -6.33 -16.02
CA ILE A 249 9.85 -5.82 -15.14
C ILE A 249 9.16 -4.70 -15.84
N VAL A 250 7.86 -4.84 -16.07
CA VAL A 250 7.10 -3.82 -16.79
C VAL A 250 6.08 -3.11 -15.91
N ASP A 251 6.36 -1.86 -15.59
CA ASP A 251 5.47 -1.06 -14.79
C ASP A 251 4.29 -0.49 -15.60
N GLU A 252 3.08 -1.06 -15.45
CA GLU A 252 1.84 -0.59 -16.14
C GLU A 252 0.87 0.10 -15.21
N VAL A 253 1.36 0.60 -14.09
CA VAL A 253 0.51 1.22 -13.07
C VAL A 253 -0.15 2.48 -13.66
N ALA A 254 0.65 3.43 -14.13
CA ALA A 254 0.13 4.64 -14.79
C ALA A 254 -0.51 4.41 -16.17
N THR A 255 -0.07 3.38 -16.89
CA THR A 255 -0.45 3.16 -18.30
C THR A 255 -1.40 1.99 -18.54
N GLY A 256 -1.76 1.27 -17.49
CA GLY A 256 -2.63 0.11 -17.62
C GLY A 256 -4.08 0.44 -17.95
N PHE A 257 -4.91 -0.60 -18.01
CA PHE A 257 -6.39 -0.53 -18.09
C PHE A 257 -6.94 0.69 -18.82
N GLY A 258 -6.53 0.83 -20.08
CA GLY A 258 -7.14 1.71 -21.07
C GLY A 258 -6.30 2.89 -21.50
N ARG A 259 -5.52 3.41 -20.55
CA ARG A 259 -5.00 4.77 -20.68
C ARG A 259 -4.26 5.10 -22.01
N THR A 260 -3.59 4.12 -22.60
CA THR A 260 -2.79 4.32 -23.82
C THR A 260 -3.53 4.02 -25.13
N GLY A 261 -4.77 3.55 -25.03
CA GLY A 261 -5.51 3.02 -26.15
C GLY A 261 -5.54 1.51 -26.24
N LYS A 262 -4.86 0.85 -25.30
CA LYS A 262 -4.98 -0.59 -25.09
C LYS A 262 -5.17 -0.88 -23.61
N MET A 263 -5.76 -2.04 -23.34
CA MET A 263 -5.90 -2.56 -21.98
C MET A 263 -4.56 -2.56 -21.21
N PHE A 264 -3.47 -2.91 -21.90
CA PHE A 264 -2.11 -2.69 -21.36
C PHE A 264 -1.20 -2.10 -22.44
N ALA A 265 -0.44 -1.07 -22.11
CA ALA A 265 0.40 -0.40 -23.08
C ALA A 265 1.42 -1.29 -23.82
N CYS A 266 1.85 -2.41 -23.24
CA CYS A 266 2.93 -3.21 -23.87
C CYS A 266 2.43 -3.90 -25.15
N GLU A 267 1.12 -4.19 -25.20
CA GLU A 267 0.40 -4.54 -26.45
C GLU A 267 0.72 -3.67 -27.69
N HIS A 268 1.16 -2.42 -27.50
CA HIS A 268 1.63 -1.62 -28.61
C HIS A 268 2.85 -2.20 -29.31
N GLU A 269 3.61 -3.03 -28.61
CA GLU A 269 4.64 -3.85 -29.26
C GLU A 269 4.54 -5.36 -28.95
N ASN A 270 3.33 -5.87 -28.74
CA ASN A 270 3.09 -7.32 -28.55
C ASN A 270 3.91 -7.96 -27.39
N VAL A 271 4.47 -7.12 -26.50
CA VAL A 271 5.55 -7.50 -25.58
C VAL A 271 5.08 -8.35 -24.41
N GLN A 272 5.94 -9.30 -24.02
CA GLN A 272 5.66 -10.35 -23.04
C GLN A 272 6.61 -10.16 -21.87
N PRO A 273 6.16 -9.43 -20.83
CA PRO A 273 7.04 -9.19 -19.70
C PRO A 273 7.05 -10.42 -18.83
N ASP A 274 8.14 -10.57 -18.06
CA ASP A 274 8.25 -11.65 -17.09
C ASP A 274 7.43 -11.35 -15.80
N LEU A 275 7.50 -10.08 -15.37
CA LEU A 275 6.70 -9.57 -14.28
C LEU A 275 6.04 -8.28 -14.74
N MET A 276 4.75 -8.12 -14.46
CA MET A 276 4.03 -6.86 -14.75
C MET A 276 3.28 -6.40 -13.49
N ALA A 277 3.39 -5.10 -13.21
CA ALA A 277 2.71 -4.43 -12.08
C ALA A 277 1.52 -3.68 -12.62
N ALA A 278 0.41 -3.69 -11.88
CA ALA A 278 -0.76 -2.83 -12.17
C ALA A 278 -1.40 -2.23 -10.92
N GLY A 279 -2.14 -1.16 -11.09
CA GLY A 279 -3.00 -0.61 -10.04
C GLY A 279 -4.08 0.30 -10.62
N LYS A 280 -4.40 1.35 -9.87
CA LYS A 280 -5.05 2.56 -10.42
C LYS A 280 -6.36 2.37 -11.21
N GLY A 281 -6.30 2.32 -12.54
CA GLY A 281 -7.46 2.07 -13.38
C GLY A 281 -8.22 0.81 -13.00
N ILE A 282 -7.49 -0.22 -12.53
CA ILE A 282 -8.04 -1.55 -12.18
C ILE A 282 -9.43 -1.55 -11.49
N THR A 283 -9.67 -0.59 -10.56
CA THR A 283 -10.97 -0.41 -9.86
C THR A 283 -11.75 0.80 -10.38
N GLY A 284 -11.57 1.16 -11.64
CA GLY A 284 -12.16 2.34 -12.22
C GLY A 284 -11.82 3.65 -11.53
N GLY A 285 -10.95 3.59 -10.50
CA GLY A 285 -10.66 4.71 -9.63
C GLY A 285 -11.34 4.73 -8.27
N TYR A 286 -12.04 3.68 -7.88
CA TYR A 286 -12.89 3.76 -6.67
C TYR A 286 -12.15 3.37 -5.42
N LEU A 287 -11.41 2.26 -5.51
CA LEU A 287 -10.76 1.65 -4.34
C LEU A 287 -9.31 1.34 -4.66
N PRO A 288 -8.53 0.96 -3.65
CA PRO A 288 -7.15 0.55 -3.93
C PRO A 288 -6.96 -0.97 -3.98
N ILE A 289 -6.57 -1.42 -5.15
CA ILE A 289 -6.25 -2.79 -5.44
C ILE A 289 -5.07 -2.62 -6.40
N ALA A 290 -4.11 -3.50 -6.29
CA ALA A 290 -2.98 -3.45 -7.19
C ALA A 290 -2.54 -4.87 -7.34
N VAL A 291 -1.85 -5.14 -8.45
CA VAL A 291 -1.49 -6.51 -8.81
C VAL A 291 -0.09 -6.58 -9.38
N THR A 292 0.69 -7.56 -8.91
CA THR A 292 1.87 -8.02 -9.64
C THR A 292 1.52 -9.26 -10.43
N PHE A 293 1.77 -9.22 -11.74
CA PHE A 293 1.59 -10.41 -12.63
C PHE A 293 2.91 -11.15 -12.75
N ALA A 294 2.88 -12.48 -12.69
CA ALA A 294 4.08 -13.31 -12.87
C ALA A 294 3.89 -14.43 -13.92
N THR A 295 4.92 -14.67 -14.74
CA THR A 295 5.01 -15.88 -15.56
C THR A 295 5.04 -17.16 -14.72
N GLU A 296 4.47 -18.26 -15.24
CA GLU A 296 4.42 -19.57 -14.52
C GLU A 296 5.82 -20.16 -14.27
N ASP A 297 6.80 -19.77 -15.06
CA ASP A 297 8.19 -20.07 -14.75
C ASP A 297 8.57 -19.53 -13.37
N ILE A 298 8.38 -18.21 -13.16
CA ILE A 298 8.68 -17.56 -11.88
C ILE A 298 7.96 -18.28 -10.76
N TYR A 299 6.65 -18.17 -10.75
CA TYR A 299 5.82 -18.89 -9.77
C TYR A 299 6.36 -20.27 -9.41
N LYS A 300 6.88 -21.02 -10.39
CA LYS A 300 7.37 -22.42 -10.19
C LYS A 300 8.47 -22.58 -9.14
N ALA A 301 9.51 -21.79 -9.35
CA ALA A 301 10.57 -21.60 -8.41
C ALA A 301 10.18 -21.31 -6.95
N PHE A 302 8.93 -21.01 -6.63
CA PHE A 302 8.55 -20.85 -5.22
C PHE A 302 7.68 -21.96 -4.72
N TYR A 303 7.39 -22.92 -5.62
CA TYR A 303 6.56 -24.09 -5.32
C TYR A 303 7.48 -25.18 -4.78
N ASP A 304 7.22 -25.59 -3.54
CA ASP A 304 7.91 -26.70 -2.93
C ASP A 304 7.29 -27.07 -1.58
N ASP A 305 7.92 -28.03 -0.88
CA ASP A 305 7.59 -28.28 0.53
C ASP A 305 8.20 -27.13 1.32
N TYR A 306 7.57 -26.78 2.44
CA TYR A 306 7.97 -25.64 3.28
C TYR A 306 9.43 -25.77 3.76
N GLU A 307 9.83 -26.99 4.15
CA GLU A 307 11.25 -27.37 4.47
C GLU A 307 12.32 -26.64 3.64
N ASN A 308 12.11 -26.61 2.33
CA ASN A 308 13.10 -26.09 1.39
C ASN A 308 13.21 -24.56 1.41
N LEU A 309 12.33 -23.89 2.15
CA LEU A 309 12.32 -22.43 2.28
C LEU A 309 12.25 -21.77 0.91
N LYS A 310 11.36 -22.30 0.09
CA LYS A 310 11.17 -21.82 -1.28
C LYS A 310 10.22 -20.62 -1.36
N THR A 311 9.37 -20.49 -0.33
CA THR A 311 8.32 -19.46 -0.23
C THR A 311 8.73 -18.03 -0.52
N PHE A 312 7.73 -17.22 -0.81
CA PHE A 312 7.88 -15.80 -1.01
C PHE A 312 7.25 -15.15 0.21
N PHE A 313 8.10 -14.67 1.11
CA PHE A 313 7.65 -14.05 2.37
C PHE A 313 7.40 -12.59 2.08
N HIS A 314 6.18 -12.34 1.66
CA HIS A 314 5.72 -11.00 1.40
C HIS A 314 4.20 -11.07 1.32
N GLY A 315 3.52 -9.94 1.51
CA GLY A 315 2.12 -9.82 1.16
C GLY A 315 1.36 -9.18 2.30
N HIS A 316 0.69 -8.08 2.00
CA HIS A 316 0.19 -7.21 3.03
C HIS A 316 -1.09 -7.81 3.59
N SER A 317 -1.62 -7.17 4.63
CA SER A 317 -2.74 -7.71 5.36
C SER A 317 -4.06 -7.56 4.59
N TYR A 318 -4.28 -6.39 3.98
CA TYR A 318 -5.47 -6.13 3.16
C TYR A 318 -5.34 -6.63 1.72
N THR A 319 -4.59 -7.72 1.52
CA THR A 319 -4.44 -8.33 0.23
C THR A 319 -5.73 -9.10 -0.09
N GLY A 320 -6.30 -8.81 -1.27
CA GLY A 320 -7.53 -9.45 -1.75
C GLY A 320 -8.81 -9.03 -1.04
N ASN A 321 -8.99 -7.71 -0.95
CA ASN A 321 -10.19 -7.10 -0.39
C ASN A 321 -11.38 -7.40 -1.32
N GLN A 322 -12.48 -7.82 -0.71
CA GLN A 322 -13.64 -8.21 -1.49
C GLN A 322 -14.20 -7.00 -2.23
N LEU A 323 -14.32 -5.87 -1.51
CA LEU A 323 -14.84 -4.65 -2.09
C LEU A 323 -14.01 -4.09 -3.27
N GLY A 324 -12.68 -4.19 -3.19
CA GLY A 324 -11.83 -3.72 -4.27
C GLY A 324 -11.86 -4.63 -5.47
N CYS A 325 -11.93 -5.93 -5.22
CA CYS A 325 -12.01 -6.95 -6.28
C CYS A 325 -13.34 -6.93 -6.93
N ALA A 326 -14.39 -6.87 -6.13
CA ALA A 326 -15.75 -6.67 -6.62
C ALA A 326 -15.83 -5.41 -7.47
N VAL A 327 -15.33 -4.25 -6.99
CA VAL A 327 -15.41 -3.04 -7.84
C VAL A 327 -14.58 -3.20 -9.11
N ALA A 328 -13.47 -3.91 -9.02
CA ALA A 328 -12.61 -4.20 -10.16
C ALA A 328 -13.26 -5.15 -11.15
N LEU A 329 -13.96 -6.17 -10.63
CA LEU A 329 -14.67 -7.14 -11.47
C LEU A 329 -15.62 -6.42 -12.41
N GLU A 330 -16.48 -5.61 -11.81
CA GLU A 330 -17.43 -4.76 -12.53
C GLU A 330 -16.72 -3.79 -13.47
N ASN A 331 -15.73 -3.03 -12.97
CA ASN A 331 -14.97 -2.16 -13.86
C ASN A 331 -14.59 -2.87 -15.16
N LEU A 332 -14.06 -4.10 -15.06
CA LEU A 332 -13.62 -4.88 -16.23
C LEU A 332 -14.76 -5.40 -17.07
N ALA A 333 -15.83 -5.84 -16.39
CA ALA A 333 -17.09 -6.13 -17.05
C ALA A 333 -17.58 -4.94 -17.91
N LEU A 334 -17.50 -3.69 -17.39
CA LEU A 334 -17.75 -2.49 -18.23
C LEU A 334 -16.75 -2.36 -19.39
N PHE A 335 -15.46 -2.40 -19.11
CA PHE A 335 -14.44 -2.46 -20.18
C PHE A 335 -14.86 -3.39 -21.34
N GLU A 336 -15.42 -4.54 -20.95
CA GLU A 336 -15.87 -5.59 -21.85
C GLU A 336 -17.12 -5.14 -22.62
N SER A 337 -18.12 -4.64 -21.88
CA SER A 337 -19.38 -4.17 -22.46
C SER A 337 -19.14 -3.00 -23.41
N GLU A 338 -19.12 -1.78 -22.87
CA GLU A 338 -18.99 -0.55 -23.67
C GLU A 338 -17.91 -0.57 -24.74
N ASN A 339 -16.87 -1.39 -24.59
CA ASN A 339 -15.69 -1.33 -25.47
C ASN A 339 -14.95 0.01 -25.29
N ILE A 340 -14.64 0.31 -24.02
CA ILE A 340 -13.87 1.50 -23.55
C ILE A 340 -12.49 1.63 -24.20
N VAL A 341 -11.79 0.49 -24.28
CA VAL A 341 -10.53 0.38 -25.01
C VAL A 341 -10.57 0.91 -26.47
N GLU A 342 -11.44 0.39 -27.34
CA GLU A 342 -11.47 0.94 -28.73
C GLU A 342 -12.09 2.36 -28.81
N GLN A 343 -13.08 2.62 -27.95
CA GLN A 343 -13.55 3.98 -27.65
C GLN A 343 -12.43 5.01 -27.35
N VAL A 344 -11.44 4.65 -26.54
CA VAL A 344 -10.32 5.57 -26.23
C VAL A 344 -9.51 5.75 -27.51
N ALA A 345 -9.27 4.63 -28.19
CA ALA A 345 -8.58 4.61 -29.49
C ALA A 345 -9.29 5.53 -30.48
N GLU A 346 -10.61 5.32 -30.62
CA GLU A 346 -11.49 6.24 -31.38
C GLU A 346 -11.29 7.71 -30.98
N LYS A 347 -11.61 8.03 -29.71
CA LYS A 347 -11.55 9.42 -29.17
C LYS A 347 -10.15 10.05 -29.13
N SER A 348 -9.11 9.22 -29.17
CA SER A 348 -7.74 9.71 -29.16
C SER A 348 -7.35 10.33 -30.50
N LYS A 349 -7.95 9.81 -31.58
CA LYS A 349 -7.84 10.41 -32.93
C LYS A 349 -8.24 11.88 -32.81
N LYS A 350 -9.41 12.09 -32.21
CA LYS A 350 -9.91 13.45 -31.99
C LYS A 350 -8.92 14.24 -31.15
N LEU A 351 -8.53 13.68 -30.01
CA LEU A 351 -7.66 14.35 -29.05
C LEU A 351 -6.37 14.93 -29.64
N HIS A 352 -5.72 14.17 -30.52
CA HIS A 352 -4.47 14.62 -31.18
C HIS A 352 -4.64 15.91 -31.97
N PHE A 353 -5.75 16.00 -32.70
CA PHE A 353 -6.09 17.19 -33.48
C PHE A 353 -6.46 18.30 -32.51
N LEU A 354 -7.32 17.95 -31.55
CA LEU A 354 -7.71 18.85 -30.46
C LEU A 354 -6.51 19.45 -29.71
N LEU A 355 -5.43 18.69 -29.53
CA LEU A 355 -4.20 19.19 -28.92
C LEU A 355 -3.30 19.99 -29.87
N GLN A 356 -3.66 20.03 -31.16
CA GLN A 356 -2.84 20.70 -32.19
C GLN A 356 -2.85 22.22 -31.99
N ASP A 357 -4.02 22.72 -31.58
CA ASP A 357 -4.18 24.11 -31.15
C ASP A 357 -3.05 24.53 -30.19
N LEU A 358 -2.79 23.73 -29.16
CA LEU A 358 -1.78 24.08 -28.15
C LEU A 358 -0.42 24.44 -28.75
N HIS A 359 -0.05 23.80 -29.86
CA HIS A 359 1.28 24.02 -30.47
C HIS A 359 1.41 25.42 -31.09
N ALA A 360 0.28 26.06 -31.42
CA ALA A 360 0.24 27.47 -31.87
C ALA A 360 0.62 28.53 -30.82
N LEU A 361 0.89 28.14 -29.58
CA LEU A 361 1.26 29.09 -28.54
C LEU A 361 2.77 29.29 -28.50
N PRO A 362 3.22 30.56 -28.46
CA PRO A 362 4.66 30.84 -28.47
C PRO A 362 5.53 29.88 -27.64
N HIS A 363 5.09 29.58 -26.41
CA HIS A 363 5.93 28.89 -25.41
C HIS A 363 5.74 27.38 -25.20
N VAL A 364 4.77 26.77 -25.89
CA VAL A 364 4.60 25.31 -25.88
C VAL A 364 5.69 24.67 -26.75
N GLY A 365 6.73 24.17 -26.08
CA GLY A 365 7.81 23.42 -26.72
C GLY A 365 7.35 22.22 -27.55
N ASP A 366 6.43 21.39 -27.02
CA ASP A 366 6.18 20.08 -27.62
C ASP A 366 5.02 19.32 -26.97
N ILE A 367 4.27 18.61 -27.79
CA ILE A 367 3.05 17.92 -27.39
C ILE A 367 3.28 16.44 -27.59
N ARG A 368 3.32 15.71 -26.48
CA ARG A 368 3.41 14.23 -26.48
C ARG A 368 2.06 13.63 -26.13
N GLN A 369 1.73 12.50 -26.75
CA GLN A 369 0.45 11.83 -26.55
C GLN A 369 0.60 10.40 -26.92
N LEU A 370 -0.01 9.53 -26.10
CA LEU A 370 -0.43 8.23 -26.57
C LEU A 370 -1.70 7.93 -25.84
N GLY A 371 -2.79 7.72 -26.60
CA GLY A 371 -4.11 7.58 -26.00
C GLY A 371 -4.45 8.86 -25.24
N PHE A 372 -4.99 8.69 -24.04
CA PHE A 372 -5.35 9.82 -23.21
C PHE A 372 -4.18 10.41 -22.38
N MET A 373 -3.02 9.76 -22.42
CA MET A 373 -1.83 10.30 -21.78
C MET A 373 -1.24 11.34 -22.68
N CYS A 374 -1.39 12.60 -22.31
CA CYS A 374 -0.81 13.72 -23.07
C CYS A 374 0.05 14.58 -22.15
N GLY A 375 1.03 15.27 -22.75
CA GLY A 375 1.86 16.26 -22.05
C GLY A 375 2.30 17.38 -22.98
N ALA A 376 2.10 18.62 -22.54
CA ALA A 376 2.57 19.79 -23.26
C ALA A 376 3.74 20.30 -22.50
N GLU A 377 4.89 20.37 -23.16
CA GLU A 377 6.12 20.77 -22.49
C GLU A 377 6.39 22.25 -22.76
N LEU A 378 6.57 23.02 -21.67
CA LEU A 378 6.71 24.48 -21.73
C LEU A 378 8.17 24.93 -21.71
N VAL A 379 8.48 25.98 -22.49
CA VAL A 379 9.84 26.48 -22.69
C VAL A 379 9.89 27.99 -22.89
N ARG A 380 10.88 28.63 -22.25
CA ARG A 380 11.28 30.05 -22.45
C ARG A 380 11.27 30.52 -23.92
N SER A 381 11.63 29.59 -24.81
CA SER A 381 11.66 29.82 -26.25
C SER A 381 11.47 28.49 -26.96
N LYS A 382 10.56 28.45 -27.94
CA LYS A 382 10.27 27.24 -28.69
C LYS A 382 11.17 27.10 -29.90
N GLU A 383 12.37 27.68 -29.81
CA GLU A 383 13.34 27.61 -30.90
C GLU A 383 14.70 27.14 -30.39
N THR A 384 14.95 27.33 -29.10
CA THR A 384 16.18 26.94 -28.50
C THR A 384 15.84 25.66 -27.81
N LYS A 385 14.55 25.40 -27.69
CA LYS A 385 14.12 24.34 -26.80
C LYS A 385 14.59 24.54 -25.33
N GLU A 386 14.86 25.78 -24.94
CA GLU A 386 15.41 26.12 -23.61
C GLU A 386 14.24 26.17 -22.59
N PRO A 387 14.24 25.27 -21.60
CA PRO A 387 13.16 25.37 -20.60
C PRO A 387 13.24 26.66 -19.72
N TYR A 388 12.17 26.95 -18.98
CA TYR A 388 12.20 28.06 -18.03
C TYR A 388 12.96 27.58 -16.82
N PRO A 389 13.49 28.51 -16.01
CA PRO A 389 14.12 28.05 -14.78
C PRO A 389 13.15 27.49 -13.71
N ALA A 390 13.71 26.68 -12.82
CA ALA A 390 12.95 25.92 -11.85
C ALA A 390 12.23 26.81 -10.85
N ASP A 391 12.90 27.85 -10.37
CA ASP A 391 12.30 28.76 -9.38
C ASP A 391 11.11 29.56 -9.90
N ARG A 392 11.03 29.77 -11.22
CA ARG A 392 9.91 30.50 -11.83
C ARG A 392 8.58 29.73 -11.87
N ARG A 393 8.64 28.41 -11.68
CA ARG A 393 7.46 27.61 -11.35
C ARG A 393 6.38 27.67 -12.41
N ILE A 394 6.79 27.54 -13.66
CA ILE A 394 5.85 27.74 -14.76
C ILE A 394 4.78 26.65 -14.80
N GLY A 395 5.12 25.43 -14.40
CA GLY A 395 4.13 24.34 -14.33
C GLY A 395 3.05 24.55 -13.26
N TYR A 396 3.49 24.88 -12.03
CA TYR A 396 2.62 25.16 -10.88
C TYR A 396 1.69 26.33 -11.16
N LYS A 397 2.23 27.44 -11.64
CA LYS A 397 1.42 28.64 -11.89
C LYS A 397 0.28 28.45 -12.90
N VAL A 398 0.50 27.55 -13.84
CA VAL A 398 -0.50 27.11 -14.82
C VAL A 398 -1.53 26.18 -14.17
N SER A 399 -1.08 25.32 -13.26
CA SER A 399 -2.01 24.35 -12.60
C SER A 399 -3.08 25.07 -11.79
N LEU A 400 -2.63 26.13 -11.08
CA LEU A 400 -3.48 27.08 -10.37
C LEU A 400 -4.43 27.85 -11.29
N LYS A 401 -3.90 28.35 -12.40
CA LYS A 401 -4.71 29.04 -13.38
C LYS A 401 -5.81 28.13 -13.89
N MET A 402 -5.46 26.87 -14.18
CA MET A 402 -6.46 25.90 -14.59
C MET A 402 -7.51 25.70 -13.49
N ARG A 403 -7.11 25.64 -12.24
CA ARG A 403 -8.07 25.51 -11.15
C ARG A 403 -9.04 26.70 -11.21
N GLU A 404 -8.47 27.90 -11.27
CA GLU A 404 -9.24 29.13 -11.36
C GLU A 404 -10.25 29.05 -12.49
N LEU A 405 -9.79 28.57 -13.66
CA LEU A 405 -10.69 28.34 -14.80
C LEU A 405 -11.60 27.09 -14.72
N GLY A 406 -11.54 26.33 -13.65
CA GLY A 406 -12.39 25.15 -13.50
C GLY A 406 -11.79 23.85 -14.04
N MET A 407 -10.47 23.71 -13.96
CA MET A 407 -9.84 22.43 -14.30
C MET A 407 -8.71 21.99 -13.35
N LEU A 408 -8.74 20.72 -12.98
CA LEU A 408 -7.69 20.15 -12.17
C LEU A 408 -6.68 19.37 -13.00
N THR A 409 -5.40 19.76 -12.82
CA THR A 409 -4.31 19.00 -13.37
C THR A 409 -3.09 19.15 -12.47
N ARG A 410 -2.14 18.24 -12.61
CA ARG A 410 -0.90 18.34 -11.87
C ARG A 410 0.24 18.41 -12.88
N PRO A 411 1.12 19.41 -12.77
CA PRO A 411 2.28 19.45 -13.64
C PRO A 411 3.36 18.43 -13.24
N LEU A 412 4.30 18.23 -14.16
CA LEU A 412 5.47 17.39 -13.97
C LEU A 412 6.62 18.34 -14.26
N GLY A 413 6.94 19.16 -13.27
CA GLY A 413 7.67 20.41 -13.50
C GLY A 413 6.97 21.14 -14.62
N ASP A 414 7.73 21.73 -15.54
CA ASP A 414 7.12 22.49 -16.65
C ASP A 414 6.45 21.62 -17.71
N VAL A 415 6.47 20.31 -17.58
CA VAL A 415 5.57 19.50 -18.38
C VAL A 415 4.22 19.58 -17.71
N ILE A 416 3.21 19.99 -18.45
CA ILE A 416 1.82 20.05 -17.99
C ILE A 416 1.17 18.77 -18.47
N ALA A 417 0.56 17.98 -17.58
CA ALA A 417 0.02 16.61 -17.88
C ALA A 417 -1.50 16.47 -17.96
N PHE A 418 -2.03 16.45 -19.17
CA PHE A 418 -3.44 16.18 -19.42
C PHE A 418 -3.67 14.66 -19.44
N LEU A 419 -4.51 14.16 -18.52
CA LEU A 419 -4.96 12.77 -18.46
C LEU A 419 -6.45 12.64 -18.06
N PRO A 420 -7.36 12.86 -19.03
CA PRO A 420 -8.79 12.87 -18.69
C PRO A 420 -9.36 11.47 -18.47
N PRO A 421 -10.42 11.32 -17.65
CA PRO A 421 -11.18 10.05 -17.59
C PRO A 421 -11.42 9.41 -18.95
N LEU A 422 -11.43 8.09 -18.98
CA LEU A 422 -11.68 7.35 -20.23
C LEU A 422 -13.18 7.34 -20.62
N ALA A 423 -14.06 7.83 -19.75
CA ALA A 423 -15.45 8.09 -20.14
C ALA A 423 -15.62 9.43 -20.84
N SER A 424 -14.63 10.33 -20.70
CA SER A 424 -14.71 11.67 -21.25
C SER A 424 -15.23 11.63 -22.65
N THR A 425 -16.16 12.53 -22.97
CA THR A 425 -16.75 12.62 -24.30
C THR A 425 -15.92 13.48 -25.21
N ALA A 426 -16.30 13.44 -26.49
CA ALA A 426 -15.67 14.26 -27.50
C ALA A 426 -15.63 15.73 -27.10
N GLU A 427 -16.77 16.30 -26.67
CA GLU A 427 -16.85 17.77 -26.38
C GLU A 427 -16.21 18.18 -25.03
N GLU A 428 -16.31 17.32 -24.03
CA GLU A 428 -15.58 17.51 -22.76
C GLU A 428 -14.09 17.68 -23.03
N LEU A 429 -13.53 16.77 -23.82
CA LEU A 429 -12.16 16.88 -24.21
C LEU A 429 -11.87 18.27 -24.80
N SER A 430 -12.76 18.76 -25.67
CA SER A 430 -12.53 20.05 -26.34
C SER A 430 -12.59 21.20 -25.36
N GLU A 431 -13.46 21.06 -24.37
CA GLU A 431 -13.54 22.05 -23.32
C GLU A 431 -12.35 22.00 -22.36
N MET A 432 -11.86 20.80 -22.07
CA MET A 432 -10.68 20.65 -21.17
C MET A 432 -9.43 21.15 -21.82
N VAL A 433 -9.26 20.86 -23.10
CA VAL A 433 -8.09 21.32 -23.83
C VAL A 433 -8.13 22.84 -23.98
N ALA A 434 -9.34 23.40 -24.17
CA ALA A 434 -9.55 24.85 -24.31
C ALA A 434 -9.10 25.57 -23.07
N ILE A 435 -9.58 25.11 -21.92
CA ILE A 435 -9.18 25.65 -20.59
C ILE A 435 -7.66 25.58 -20.41
N MET A 436 -7.04 24.56 -20.97
CA MET A 436 -5.61 24.36 -20.89
C MET A 436 -4.85 25.36 -21.75
N LYS A 437 -5.43 25.69 -22.90
CA LYS A 437 -4.80 26.62 -23.83
C LYS A 437 -4.88 28.00 -23.28
N GLN A 438 -6.07 28.31 -22.77
CA GLN A 438 -6.33 29.56 -22.09
C GLN A 438 -5.30 29.76 -21.00
N ALA A 439 -5.14 28.73 -20.16
CA ALA A 439 -4.26 28.78 -18.99
C ALA A 439 -2.79 28.99 -19.31
N ILE A 440 -2.21 28.11 -20.14
CA ILE A 440 -0.80 28.20 -20.58
C ILE A 440 -0.52 29.54 -21.25
N HIS A 441 -1.46 29.98 -22.08
CA HIS A 441 -1.35 31.27 -22.73
C HIS A 441 -1.24 32.40 -21.73
N GLU A 442 -2.11 32.40 -20.73
CA GLU A 442 -2.18 33.52 -19.82
C GLU A 442 -0.94 33.63 -18.90
N VAL A 443 -0.26 32.53 -18.59
CA VAL A 443 0.85 32.57 -17.60
C VAL A 443 2.21 32.77 -18.26
N THR A 444 2.43 32.12 -19.40
CA THR A 444 3.69 32.28 -20.13
C THR A 444 3.85 33.71 -20.67
N SER A 445 2.81 34.19 -21.36
CA SER A 445 2.67 35.58 -21.81
C SER A 445 2.99 36.58 -20.70
N LEU A 446 2.42 36.36 -19.51
CA LEU A 446 2.61 37.24 -18.35
C LEU A 446 4.03 37.28 -17.78
N GLU A 447 4.76 36.16 -17.79
CA GLU A 447 6.16 36.14 -17.29
C GLU A 447 7.13 37.12 -18.02
N ASP A 448 6.69 37.57 -19.20
CA ASP A 448 7.28 38.69 -19.96
C ASP A 448 6.65 40.03 -19.55
N ASP B 4 -15.46 -25.60 -9.42
CA ASP B 4 -14.18 -25.31 -10.13
C ASP B 4 -13.44 -24.04 -9.61
N LEU B 5 -14.15 -23.16 -8.90
CA LEU B 5 -13.54 -22.02 -8.20
C LEU B 5 -12.30 -22.42 -7.37
N ILE B 6 -12.39 -23.57 -6.69
CA ILE B 6 -11.23 -24.24 -6.06
C ILE B 6 -10.16 -24.52 -7.10
N GLU B 7 -10.56 -25.22 -8.16
CA GLU B 7 -9.65 -25.57 -9.24
C GLU B 7 -9.02 -24.29 -9.80
N LYS B 8 -9.85 -23.26 -9.97
CA LYS B 8 -9.44 -21.95 -10.50
C LYS B 8 -8.49 -21.17 -9.55
N SER B 9 -8.71 -21.28 -8.24
CA SER B 9 -7.81 -20.68 -7.25
C SER B 9 -6.39 -21.28 -7.27
N LYS B 10 -6.25 -22.54 -7.65
CA LYS B 10 -4.91 -23.12 -7.88
C LYS B 10 -4.24 -22.62 -9.15
N LYS B 11 -4.99 -22.33 -10.20
CA LYS B 11 -4.39 -22.08 -11.53
C LYS B 11 -3.80 -20.69 -11.65
N HIS B 12 -4.45 -19.70 -11.04
CA HIS B 12 -4.18 -18.26 -11.29
C HIS B 12 -3.54 -17.46 -10.15
N LEU B 13 -3.92 -17.75 -8.92
CA LEU B 13 -3.48 -16.95 -7.78
C LEU B 13 -2.05 -17.25 -7.37
N TRP B 14 -1.52 -16.35 -6.56
CA TRP B 14 -0.24 -16.50 -5.91
C TRP B 14 -0.45 -15.69 -4.63
N LEU B 15 -0.57 -16.43 -3.53
CA LEU B 15 -0.97 -15.91 -2.23
C LEU B 15 0.16 -15.38 -1.35
N PRO B 16 -0.13 -14.33 -0.55
CA PRO B 16 0.82 -13.67 0.31
C PRO B 16 1.30 -14.55 1.46
N PHE B 17 2.57 -14.46 1.85
CA PHE B 17 3.11 -15.20 3.00
C PHE B 17 2.67 -16.68 3.08
N THR B 18 2.38 -17.32 1.95
CA THR B 18 2.03 -18.75 1.91
C THR B 18 2.73 -19.49 0.76
N GLN B 19 2.96 -20.76 1.07
CA GLN B 19 3.59 -21.70 0.19
C GLN B 19 2.43 -22.34 -0.50
N MET B 20 2.43 -22.30 -1.83
CA MET B 20 1.25 -22.66 -2.59
C MET B 20 1.01 -24.15 -2.64
N LYS B 21 2.06 -24.96 -2.44
CA LYS B 21 1.88 -26.41 -2.32
C LYS B 21 1.01 -26.81 -1.12
N ASP B 22 1.07 -26.06 -0.02
CA ASP B 22 0.25 -26.36 1.17
C ASP B 22 -1.19 -25.88 1.00
N TYR B 23 -1.39 -24.85 0.17
CA TYR B 23 -2.73 -24.37 -0.17
C TYR B 23 -3.37 -25.42 -1.10
N ASP B 24 -2.64 -25.83 -2.14
CA ASP B 24 -3.14 -26.85 -3.09
C ASP B 24 -3.65 -28.10 -2.39
N GLU B 25 -2.90 -28.59 -1.40
CA GLU B 25 -3.33 -29.74 -0.60
C GLU B 25 -4.52 -29.42 0.30
N ASN B 26 -4.62 -28.21 0.84
CA ASN B 26 -5.81 -27.79 1.64
C ASN B 26 -6.41 -26.44 1.25
N PRO B 27 -7.21 -26.40 0.16
CA PRO B 27 -7.85 -25.12 -0.25
C PRO B 27 -8.85 -24.54 0.73
N LEU B 28 -9.05 -23.23 0.65
CA LEU B 28 -10.06 -22.52 1.41
C LEU B 28 -10.43 -21.24 0.66
N ILE B 29 -11.69 -21.12 0.26
CA ILE B 29 -12.25 -19.94 -0.40
C ILE B 29 -13.46 -19.49 0.42
N ILE B 30 -13.44 -18.27 0.98
CA ILE B 30 -14.63 -17.70 1.69
C ILE B 30 -15.62 -17.06 0.68
N GLU B 31 -16.92 -17.15 1.00
CA GLU B 31 -18.03 -16.53 0.23
C GLU B 31 -18.58 -15.32 0.96
N SER B 32 -18.81 -15.47 2.27
CA SER B 32 -19.37 -14.41 3.11
C SER B 32 -18.99 -14.56 4.58
N GLY B 33 -19.56 -13.72 5.44
CA GLY B 33 -19.36 -13.87 6.88
C GLY B 33 -20.30 -12.98 7.66
N THR B 34 -20.72 -13.44 8.84
CA THR B 34 -21.62 -12.72 9.73
C THR B 34 -21.10 -12.83 11.15
N GLY B 35 -21.40 -11.82 11.95
CA GLY B 35 -20.86 -11.64 13.29
C GLY B 35 -19.36 -11.82 13.23
N ILE B 36 -18.85 -12.73 14.05
CA ILE B 36 -17.45 -13.05 14.11
C ILE B 36 -17.19 -14.42 13.48
N LYS B 37 -17.87 -14.70 12.37
CA LYS B 37 -17.70 -15.97 11.68
C LYS B 37 -17.60 -15.79 10.17
N VAL B 38 -17.19 -16.84 9.46
CA VAL B 38 -17.20 -16.81 8.01
C VAL B 38 -17.67 -18.16 7.44
N LYS B 39 -18.00 -18.18 6.15
CA LYS B 39 -18.55 -19.34 5.48
C LYS B 39 -17.71 -19.61 4.25
N ASP B 40 -17.29 -20.85 4.00
CA ASP B 40 -16.63 -21.18 2.73
C ASP B 40 -17.65 -21.54 1.64
N ILE B 41 -17.17 -21.76 0.42
CA ILE B 41 -18.05 -21.91 -0.76
C ILE B 41 -18.82 -23.22 -0.92
N ASN B 42 -18.32 -24.29 -0.29
CA ASN B 42 -19.09 -25.50 -0.02
C ASN B 42 -19.45 -25.30 1.41
N GLY B 43 -20.44 -24.41 1.61
CA GLY B 43 -20.90 -23.86 2.90
C GLY B 43 -20.48 -24.53 4.19
N LYS B 44 -19.33 -24.10 4.74
CA LYS B 44 -18.84 -24.53 6.06
C LYS B 44 -18.44 -23.28 6.85
N GLU B 45 -18.83 -23.21 8.12
CA GLU B 45 -18.68 -22.01 8.93
C GLU B 45 -17.58 -22.13 9.98
N TYR B 46 -16.78 -21.07 10.15
CA TYR B 46 -15.65 -21.02 11.09
C TYR B 46 -15.72 -19.78 11.97
N TYR B 47 -15.03 -19.81 13.09
CA TYR B 47 -14.66 -18.58 13.81
C TYR B 47 -13.49 -17.85 13.11
N ASP B 48 -13.19 -16.65 13.59
CA ASP B 48 -12.17 -15.79 13.03
C ASP B 48 -11.22 -15.44 14.17
N GLY B 49 -10.33 -16.40 14.44
CA GLY B 49 -9.53 -16.40 15.66
C GLY B 49 -8.44 -15.38 15.55
N PHE B 50 -7.97 -15.21 14.32
CA PHE B 50 -7.04 -14.14 13.94
C PHE B 50 -7.72 -12.86 13.38
N SER B 51 -8.96 -12.59 13.75
CA SER B 51 -9.72 -11.42 13.24
C SER B 51 -9.21 -10.90 11.87
N SER B 52 -9.16 -11.80 10.89
CA SER B 52 -8.74 -11.48 9.51
C SER B 52 -7.31 -10.90 9.43
N VAL B 53 -6.44 -11.58 10.16
CA VAL B 53 -5.10 -11.09 10.46
C VAL B 53 -5.09 -9.69 11.09
N TRP B 54 -5.61 -9.66 12.30
CA TRP B 54 -5.40 -8.61 13.31
C TRP B 54 -5.98 -7.26 12.96
N LEU B 55 -7.12 -7.24 12.24
CA LEU B 55 -7.77 -5.99 11.80
C LEU B 55 -9.32 -5.87 11.94
N ASN B 56 -10.01 -7.00 12.10
CA ASN B 56 -11.49 -7.06 12.17
C ASN B 56 -12.04 -6.78 13.57
N VAL B 57 -12.60 -5.57 13.79
CA VAL B 57 -12.96 -5.08 15.13
C VAL B 57 -14.34 -5.54 15.60
N HIS B 58 -15.40 -5.30 14.82
CA HIS B 58 -16.79 -5.69 15.21
C HIS B 58 -17.45 -6.73 14.31
N GLY B 59 -16.67 -7.64 13.75
CA GLY B 59 -17.25 -8.70 12.93
C GLY B 59 -17.47 -8.27 11.50
N HIS B 60 -18.01 -9.17 10.71
CA HIS B 60 -18.30 -8.96 9.31
C HIS B 60 -19.74 -8.54 9.18
N ARG B 61 -20.09 -7.94 8.05
CA ARG B 61 -21.44 -7.40 7.85
C ARG B 61 -21.91 -6.40 8.90
N LYS B 62 -21.01 -5.85 9.71
CA LYS B 62 -21.42 -4.84 10.71
C LYS B 62 -22.22 -3.74 10.02
N LYS B 63 -23.28 -3.32 10.69
CA LYS B 63 -24.31 -2.51 10.04
C LYS B 63 -23.85 -1.08 9.72
N GLU B 64 -23.19 -0.43 10.68
CA GLU B 64 -22.94 1.00 10.62
C GLU B 64 -21.72 1.35 9.78
N LEU B 65 -20.93 0.33 9.44
CA LEU B 65 -19.80 0.45 8.52
C LEU B 65 -20.37 0.28 7.13
N ASP B 66 -21.06 -0.84 6.88
CA ASP B 66 -21.83 -1.04 5.62
C ASP B 66 -22.62 0.23 5.31
N ASP B 67 -23.16 0.86 6.36
CA ASP B 67 -23.87 2.14 6.21
C ASP B 67 -23.02 3.25 5.63
N ALA B 68 -21.91 3.60 6.28
CA ALA B 68 -21.15 4.78 5.86
C ALA B 68 -20.51 4.68 4.45
N ILE B 69 -20.10 3.48 4.03
CA ILE B 69 -19.63 3.25 2.65
C ILE B 69 -20.71 3.61 1.63
N LYS B 70 -21.90 3.01 1.84
CA LYS B 70 -23.08 3.28 1.00
C LYS B 70 -23.31 4.76 0.95
N LYS B 71 -23.36 5.39 2.11
CA LYS B 71 -23.53 6.85 2.17
C LYS B 71 -22.48 7.63 1.39
N GLN B 72 -21.20 7.27 1.57
CA GLN B 72 -20.11 7.99 0.94
C GLN B 72 -20.02 7.77 -0.58
N LEU B 73 -20.49 6.62 -1.05
CA LEU B 73 -20.81 6.45 -2.48
C LEU B 73 -21.85 7.48 -2.99
N GLY B 74 -22.68 7.98 -2.06
CA GLY B 74 -23.62 9.06 -2.31
C GLY B 74 -22.97 10.35 -2.71
N LYS B 75 -21.81 10.64 -2.13
CA LYS B 75 -21.07 11.87 -2.41
C LYS B 75 -20.01 11.61 -3.46
N ILE B 76 -19.05 10.74 -3.16
CA ILE B 76 -17.85 10.52 -4.02
C ILE B 76 -16.95 9.42 -3.44
N ALA B 77 -16.45 8.51 -4.29
CA ALA B 77 -15.68 7.34 -3.83
C ALA B 77 -14.19 7.59 -3.68
N HIS B 78 -13.56 8.23 -4.66
CA HIS B 78 -12.19 8.69 -4.50
C HIS B 78 -11.80 9.94 -5.28
N SER B 79 -11.38 10.98 -4.55
CA SER B 79 -10.66 12.14 -5.10
C SER B 79 -9.29 12.18 -4.39
N THR B 80 -8.33 12.93 -4.97
CA THR B 80 -6.93 12.84 -4.52
C THR B 80 -6.58 13.73 -3.35
N LEU B 81 -5.51 13.35 -2.64
CA LEU B 81 -4.85 14.22 -1.64
C LEU B 81 -3.55 14.87 -2.10
N LEU B 82 -3.11 14.57 -3.32
CA LEU B 82 -1.99 15.25 -3.91
C LEU B 82 -2.30 16.70 -4.10
N GLY B 83 -1.80 17.52 -3.21
CA GLY B 83 -1.87 18.99 -3.36
C GLY B 83 -3.21 19.63 -3.04
N MET B 84 -4.21 18.79 -2.75
CA MET B 84 -5.55 19.22 -2.37
C MET B 84 -5.99 18.26 -1.29
N THR B 85 -7.24 18.30 -0.85
CA THR B 85 -7.74 17.29 0.08
C THR B 85 -9.21 17.12 -0.15
N ASN B 86 -9.85 16.27 0.67
CA ASN B 86 -11.27 16.01 0.56
C ASN B 86 -11.89 15.95 1.96
N VAL B 87 -13.20 15.75 2.05
CA VAL B 87 -13.92 16.07 3.26
C VAL B 87 -13.68 15.05 4.36
N PRO B 88 -13.81 13.73 4.07
CA PRO B 88 -13.69 12.73 5.18
C PRO B 88 -12.28 12.46 5.68
N ALA B 89 -11.31 12.44 4.78
CA ALA B 89 -9.91 12.49 5.20
C ALA B 89 -9.71 13.66 6.14
N THR B 90 -10.19 14.84 5.74
CA THR B 90 -10.01 16.06 6.55
C THR B 90 -10.62 15.98 7.96
N GLN B 91 -11.72 15.23 8.05
CA GLN B 91 -12.51 15.07 9.26
C GLN B 91 -11.97 13.97 10.14
N LEU B 92 -11.69 12.82 9.52
CA LEU B 92 -11.00 11.68 10.16
C LEU B 92 -9.69 12.12 10.80
N ALA B 93 -8.96 13.00 10.11
CA ALA B 93 -7.72 13.49 10.63
C ALA B 93 -7.97 14.12 11.98
N GLU B 94 -8.96 14.98 12.06
CA GLU B 94 -9.26 15.68 13.28
C GLU B 94 -9.60 14.69 14.37
N THR B 95 -10.42 13.71 14.06
CA THR B 95 -10.76 12.70 15.05
C THR B 95 -9.51 11.94 15.54
N LEU B 96 -8.59 11.64 14.61
CA LEU B 96 -7.41 10.84 14.94
C LEU B 96 -6.38 11.60 15.78
N ILE B 97 -6.35 12.91 15.63
CA ILE B 97 -5.52 13.76 16.50
C ILE B 97 -6.00 13.75 17.98
N ASP B 98 -7.32 13.73 18.16
CA ASP B 98 -7.93 13.76 19.47
C ASP B 98 -7.81 12.40 20.17
N ILE B 99 -8.09 11.28 19.47
CA ILE B 99 -8.04 9.95 20.10
C ILE B 99 -6.65 9.30 20.22
N SER B 100 -5.58 10.08 20.03
CA SER B 100 -4.19 9.60 19.97
C SER B 100 -3.35 10.49 20.85
N PRO B 101 -2.14 10.06 21.22
CA PRO B 101 -1.29 10.82 22.12
C PRO B 101 -1.26 12.29 21.78
N LYS B 102 -1.25 13.16 22.81
CA LYS B 102 -1.37 14.61 22.60
C LYS B 102 -0.26 15.19 21.71
N LYS B 103 0.97 14.70 21.83
CA LYS B 103 2.05 15.30 21.02
C LYS B 103 1.96 15.00 19.51
N LEU B 104 1.16 14.00 19.14
CA LEU B 104 0.91 13.67 17.73
C LEU B 104 -0.17 14.56 17.12
N THR B 105 0.28 15.66 16.53
CA THR B 105 -0.56 16.67 15.91
C THR B 105 -0.93 16.45 14.41
N ARG B 106 -0.03 15.82 13.66
CA ARG B 106 -0.25 15.61 12.23
C ARG B 106 -0.68 14.20 11.83
N VAL B 107 -1.04 14.07 10.57
CA VAL B 107 -1.46 12.81 9.98
C VAL B 107 -1.20 12.75 8.47
N PHE B 108 -0.50 11.67 8.11
CA PHE B 108 -0.08 11.39 6.75
C PHE B 108 -0.60 10.01 6.42
N TYR B 109 -1.55 9.96 5.52
CA TYR B 109 -2.20 8.76 5.06
C TYR B 109 -1.42 7.94 4.02
N SER B 110 -1.77 6.65 3.99
CA SER B 110 -1.29 5.74 2.96
C SER B 110 -2.17 4.50 2.97
N ASP B 111 -1.92 3.59 2.01
CA ASP B 111 -2.74 2.36 1.84
C ASP B 111 -2.41 1.20 2.78
N SER B 112 -1.35 1.25 3.58
CA SER B 112 -0.95 0.05 4.32
C SER B 112 0.03 0.21 5.48
N GLY B 113 -0.06 -0.67 6.47
CA GLY B 113 0.88 -0.73 7.57
C GLY B 113 2.36 -0.55 7.20
N ALA B 114 2.83 -1.33 6.22
CA ALA B 114 4.22 -1.27 5.79
C ALA B 114 4.50 0.09 5.21
N GLU B 115 3.58 0.60 4.38
CA GLU B 115 3.67 1.97 3.89
C GLU B 115 3.67 3.03 4.98
N ALA B 116 2.87 2.88 6.04
CA ALA B 116 2.95 3.77 7.21
C ALA B 116 4.33 3.74 7.94
N MET B 117 4.98 2.60 8.06
CA MET B 117 6.35 2.51 8.62
C MET B 117 7.45 3.07 7.71
N GLU B 118 7.46 2.67 6.43
CA GLU B 118 8.42 3.19 5.45
C GLU B 118 8.39 4.72 5.41
N ILE B 119 7.15 5.25 5.44
CA ILE B 119 6.85 6.68 5.61
C ILE B 119 7.47 7.24 6.88
N ALA B 120 7.21 6.59 8.03
CA ALA B 120 7.88 6.96 9.30
C ALA B 120 9.37 7.02 9.14
N LEU B 121 10.01 5.99 8.58
CA LEU B 121 11.49 5.99 8.40
C LEU B 121 11.95 7.13 7.54
N LYS B 122 11.18 7.41 6.51
CA LYS B 122 11.54 8.44 5.56
C LYS B 122 11.40 9.82 6.18
N MET B 123 10.38 10.06 7.00
CA MET B 123 10.30 11.35 7.74
C MET B 123 11.48 11.47 8.71
N ALA B 124 11.72 10.41 9.47
CA ALA B 124 12.79 10.39 10.45
C ALA B 124 14.16 10.75 9.79
N PHE B 125 14.53 9.98 8.78
CA PHE B 125 15.72 10.28 8.01
C PHE B 125 15.75 11.71 7.45
N GLN B 126 14.63 12.13 6.88
CA GLN B 126 14.60 13.42 6.21
C GLN B 126 14.52 14.59 7.17
N TYR B 127 13.94 14.40 8.35
CA TYR B 127 13.92 15.42 9.40
C TYR B 127 15.30 15.94 9.78
N TRP B 128 16.20 15.01 10.12
CA TRP B 128 17.58 15.32 10.50
C TRP B 128 18.25 16.01 9.34
N LYS B 129 18.07 15.47 8.13
CA LYS B 129 18.68 16.09 6.95
C LYS B 129 18.18 17.50 6.74
N ASN B 130 16.92 17.76 7.06
CA ASN B 130 16.36 19.11 6.92
C ASN B 130 16.92 20.07 7.98
N ILE B 131 16.81 19.71 9.27
CA ILE B 131 17.23 20.63 10.34
C ILE B 131 18.74 20.95 10.38
N GLY B 132 19.58 20.03 9.92
CA GLY B 132 21.01 20.27 9.82
C GLY B 132 21.86 19.32 10.66
N LYS B 133 21.58 18.03 10.56
CA LYS B 133 22.37 17.00 11.19
C LYS B 133 22.50 15.71 10.35
N PRO B 134 22.82 15.81 9.05
CA PRO B 134 22.90 14.67 8.15
C PRO B 134 23.59 13.38 8.62
N GLU B 135 24.50 13.51 9.58
CA GLU B 135 25.08 12.37 10.32
C GLU B 135 24.06 11.34 10.82
N LYS B 136 22.87 11.82 11.14
CA LYS B 136 21.78 10.97 11.62
C LYS B 136 21.15 10.19 10.47
N GLN B 137 21.75 9.06 10.16
CA GLN B 137 21.30 8.19 9.09
C GLN B 137 20.84 6.83 9.56
N LYS B 138 21.51 6.29 10.56
CA LYS B 138 21.40 4.87 10.88
C LYS B 138 20.15 4.68 11.68
N PHE B 139 19.70 3.44 11.75
CA PHE B 139 18.48 3.10 12.46
C PHE B 139 18.78 2.01 13.45
N ILE B 140 17.94 1.88 14.47
CA ILE B 140 18.00 0.78 15.41
C ILE B 140 16.73 -0.01 15.18
N ALA B 141 16.89 -1.21 14.66
CA ALA B 141 15.83 -2.18 14.65
C ALA B 141 15.81 -2.88 16.01
N MET B 142 14.63 -3.27 16.49
CA MET B 142 14.54 -4.03 17.73
C MET B 142 14.54 -5.48 17.32
N LYS B 143 15.58 -6.22 17.72
CA LYS B 143 15.72 -7.63 17.38
C LYS B 143 14.39 -8.32 17.28
N ASN B 144 14.18 -9.05 16.17
CA ASN B 144 12.92 -9.72 15.81
C ASN B 144 11.85 -8.72 15.37
N GLY B 145 12.30 -7.55 14.87
CA GLY B 145 11.43 -6.37 14.73
C GLY B 145 10.60 -6.29 13.47
N TYR B 146 9.52 -7.07 13.45
CA TYR B 146 8.53 -7.01 12.38
C TYR B 146 7.55 -5.88 12.65
N TYR B 174 21.59 -0.70 13.52
CA TYR B 174 21.98 -1.69 14.53
C TYR B 174 20.79 -2.43 15.15
N LYS B 175 21.10 -3.49 15.90
CA LYS B 175 20.10 -4.36 16.49
C LYS B 175 20.19 -4.27 17.99
N ALA B 176 19.04 -4.24 18.66
CA ALA B 176 18.92 -4.22 20.13
C ALA B 176 17.92 -5.29 20.62
N PRO B 177 18.21 -5.94 21.76
CA PRO B 177 17.38 -7.09 22.18
C PRO B 177 16.09 -6.70 22.89
N ILE B 178 15.08 -7.57 22.81
CA ILE B 178 13.75 -7.33 23.40
C ILE B 178 13.50 -8.31 24.56
N PRO B 179 13.06 -7.79 25.73
CA PRO B 179 12.92 -8.62 26.94
C PRO B 179 12.03 -9.85 26.75
N TYR B 180 12.65 -10.93 26.31
CA TYR B 180 11.96 -12.15 25.97
C TYR B 180 12.22 -13.12 27.12
N VAL B 181 11.39 -12.96 28.15
CA VAL B 181 11.72 -13.40 29.51
C VAL B 181 11.55 -14.90 29.67
N TYR B 182 10.64 -15.47 28.89
CA TYR B 182 10.41 -16.92 28.92
C TYR B 182 11.68 -17.68 28.53
N ARG B 183 12.32 -17.24 27.45
CA ARG B 183 13.65 -17.72 27.07
C ARG B 183 14.67 -16.64 27.41
N SER B 184 14.93 -16.50 28.70
CA SER B 184 15.91 -15.56 29.22
C SER B 184 16.83 -16.34 30.16
N GLU B 185 17.72 -15.63 30.84
CA GLU B 185 18.71 -16.25 31.72
C GLU B 185 18.09 -16.52 33.11
N SER B 186 17.37 -15.52 33.65
CA SER B 186 16.83 -15.58 35.01
C SER B 186 15.33 -15.84 35.12
N GLY B 187 14.60 -15.71 34.01
CA GLY B 187 13.14 -15.76 34.03
C GLY B 187 12.44 -14.54 34.61
N ASP B 188 13.20 -13.56 35.11
CA ASP B 188 12.65 -12.43 35.86
C ASP B 188 12.41 -11.23 34.91
N PRO B 189 11.15 -10.74 34.84
CA PRO B 189 10.79 -9.61 33.97
C PRO B 189 11.62 -8.37 34.19
N ASP B 190 11.71 -7.94 35.44
CA ASP B 190 12.45 -6.75 35.81
C ASP B 190 13.94 -6.89 35.49
N GLU B 191 14.51 -8.09 35.68
CA GLU B 191 15.93 -8.30 35.42
C GLU B 191 16.20 -8.38 33.91
N CYS B 192 15.40 -9.16 33.20
CA CYS B 192 15.49 -9.24 31.73
C CYS B 192 15.32 -7.86 31.12
N ARG B 193 14.27 -7.16 31.58
CA ARG B 193 13.95 -5.80 31.18
C ARG B 193 15.11 -4.87 31.31
N ASP B 194 15.66 -4.79 32.51
CA ASP B 194 16.71 -3.82 32.81
C ASP B 194 18.00 -4.15 32.09
N GLN B 195 18.23 -5.44 31.83
CA GLN B 195 19.35 -5.91 30.99
C GLN B 195 19.20 -5.44 29.53
N CYS B 196 17.98 -5.63 28.99
CA CYS B 196 17.66 -5.12 27.64
C CYS B 196 17.76 -3.60 27.54
N LEU B 197 17.26 -2.90 28.57
CA LEU B 197 17.43 -1.44 28.66
C LEU B 197 18.86 -1.05 28.71
N ARG B 198 19.66 -1.79 29.46
CA ARG B 198 21.07 -1.46 29.61
C ARG B 198 21.81 -1.67 28.30
N GLU B 199 21.48 -2.77 27.60
CA GLU B 199 22.16 -3.14 26.35
C GLU B 199 21.83 -2.11 25.26
N LEU B 200 20.55 -1.70 25.19
CA LEU B 200 20.17 -0.54 24.37
C LEU B 200 20.98 0.71 24.75
N ALA B 201 20.98 1.01 26.05
CA ALA B 201 21.67 2.19 26.58
C ALA B 201 23.15 2.22 26.24
N GLN B 202 23.81 1.06 26.28
CA GLN B 202 25.21 0.97 25.84
C GLN B 202 25.35 1.28 24.35
N LEU B 203 24.46 0.68 23.56
CA LEU B 203 24.46 0.88 22.11
C LEU B 203 24.23 2.34 21.76
N LEU B 204 23.29 3.00 22.45
CA LEU B 204 23.06 4.46 22.27
C LEU B 204 24.26 5.28 22.76
N GLU B 205 24.76 4.95 23.97
CA GLU B 205 25.99 5.54 24.50
C GLU B 205 27.01 5.69 23.37
N GLU B 206 27.32 4.58 22.70
CA GLU B 206 28.46 4.54 21.77
C GLU B 206 28.23 5.07 20.35
N HIS B 207 27.01 4.97 19.81
CA HIS B 207 26.77 5.35 18.39
C HIS B 207 25.75 6.49 18.13
N HIS B 208 25.05 6.98 19.17
CA HIS B 208 23.90 7.92 19.00
C HIS B 208 24.07 9.10 18.02
N GLU B 209 25.28 9.63 17.91
CA GLU B 209 25.47 10.80 17.07
C GLU B 209 25.41 10.51 15.55
N GLU B 210 25.23 9.24 15.18
CA GLU B 210 24.93 8.86 13.78
C GLU B 210 23.57 8.13 13.55
N ILE B 211 22.84 7.84 14.61
CA ILE B 211 21.49 7.26 14.51
C ILE B 211 20.49 8.39 14.14
N ALA B 212 19.38 8.04 13.45
CA ALA B 212 18.24 8.98 13.15
C ALA B 212 16.99 8.67 13.95
N ALA B 213 16.65 7.39 14.05
CA ALA B 213 15.41 6.96 14.69
C ALA B 213 15.53 5.50 15.22
N LEU B 214 14.59 5.12 16.09
CA LEU B 214 14.47 3.77 16.63
C LEU B 214 13.06 3.24 16.42
N SER B 215 12.94 2.04 15.84
CA SER B 215 11.65 1.48 15.44
C SER B 215 11.36 0.40 16.39
N ILE B 216 10.17 0.41 16.98
CA ILE B 216 9.76 -0.62 17.95
C ILE B 216 8.25 -0.85 17.80
N GLU B 217 7.82 -2.10 17.77
CA GLU B 217 6.40 -2.43 17.88
C GLU B 217 5.90 -1.96 19.24
N SER B 218 4.68 -1.39 19.26
CA SER B 218 4.08 -0.89 20.50
C SER B 218 3.67 -2.02 21.42
N MET B 219 4.46 -2.24 22.47
CA MET B 219 4.18 -3.19 23.57
C MET B 219 4.30 -4.67 23.26
N VAL B 220 3.85 -5.11 22.08
CA VAL B 220 3.90 -6.53 21.71
C VAL B 220 4.48 -6.77 20.35
N GLN B 221 5.54 -7.57 20.31
CA GLN B 221 6.10 -8.04 19.07
C GLN B 221 5.18 -9.11 18.53
N GLY B 222 4.49 -8.78 17.45
CA GLY B 222 3.43 -9.60 16.90
C GLY B 222 3.98 -10.84 16.27
N ALA B 223 4.37 -10.76 15.00
CA ALA B 223 4.73 -11.97 14.23
C ALA B 223 5.93 -12.73 14.83
N SER B 224 6.68 -12.08 15.69
CA SER B 224 7.74 -12.72 16.50
C SER B 224 7.25 -13.74 17.57
N GLY B 225 5.97 -14.13 17.57
CA GLY B 225 5.42 -15.07 18.55
C GLY B 225 4.64 -14.41 19.66
N MET B 226 4.22 -13.17 19.47
CA MET B 226 3.32 -12.48 20.40
C MET B 226 4.00 -12.23 21.75
N ILE B 227 5.21 -11.69 21.69
CA ILE B 227 6.04 -11.49 22.85
C ILE B 227 5.66 -10.16 23.48
N VAL B 228 4.91 -10.26 24.57
CA VAL B 228 4.51 -9.08 25.35
C VAL B 228 5.74 -8.48 26.03
N MET B 229 5.85 -7.16 25.97
CA MET B 229 6.93 -6.47 26.64
C MET B 229 6.59 -6.30 28.11
N PRO B 230 7.59 -6.48 28.99
CA PRO B 230 7.34 -6.35 30.42
C PRO B 230 7.22 -4.87 30.82
N GLU B 231 6.68 -4.67 32.03
CA GLU B 231 6.27 -3.36 32.52
C GLU B 231 7.52 -2.48 32.73
N GLY B 232 7.49 -1.28 32.18
CA GLY B 232 8.65 -0.40 32.15
C GLY B 232 9.60 -0.49 30.96
N TYR B 233 9.43 -1.45 30.06
CA TYR B 233 10.32 -1.52 28.90
C TYR B 233 10.15 -0.32 27.95
N LEU B 234 8.94 -0.16 27.42
CA LEU B 234 8.62 0.92 26.46
C LEU B 234 9.05 2.29 26.98
N ALA B 235 8.70 2.55 28.25
CA ALA B 235 9.03 3.80 28.93
C ALA B 235 10.53 4.02 28.98
N GLY B 236 11.28 2.98 29.32
CA GLY B 236 12.74 3.03 29.33
C GLY B 236 13.28 3.43 27.96
N VAL B 237 12.68 2.87 26.90
CA VAL B 237 13.10 3.18 25.51
C VAL B 237 12.86 4.64 25.19
N ARG B 238 11.70 5.14 25.61
CA ARG B 238 11.32 6.54 25.44
C ARG B 238 12.27 7.46 26.14
N GLU B 239 12.59 7.15 27.39
CA GLU B 239 13.57 7.94 28.15
C GLU B 239 14.90 7.99 27.38
N LEU B 240 15.37 6.81 27.00
CA LEU B 240 16.67 6.70 26.35
C LEU B 240 16.70 7.35 24.98
N CYS B 241 15.58 7.32 24.26
CA CYS B 241 15.49 8.00 22.95
C CYS B 241 15.56 9.52 23.12
N THR B 242 14.80 10.05 24.10
CA THR B 242 14.80 11.50 24.43
C THR B 242 16.17 11.94 24.88
N THR B 243 16.72 11.20 25.84
CA THR B 243 18.05 11.42 26.36
C THR B 243 19.11 11.50 25.27
N TYR B 244 18.98 10.64 24.27
CA TYR B 244 19.96 10.48 23.20
C TYR B 244 19.65 11.11 21.81
N ASP B 245 18.58 11.87 21.68
CA ASP B 245 18.24 12.57 20.43
C ASP B 245 18.05 11.60 19.23
N VAL B 246 17.51 10.41 19.48
CA VAL B 246 17.12 9.48 18.45
C VAL B 246 15.64 9.64 18.46
N LEU B 247 14.98 9.65 17.30
CA LEU B 247 13.50 9.70 17.29
C LEU B 247 12.90 8.34 17.57
N MET B 248 11.82 8.29 18.33
CA MET B 248 11.16 7.01 18.61
C MET B 248 10.01 6.81 17.64
N ILE B 249 10.10 5.72 16.86
CA ILE B 249 9.02 5.31 15.96
C ILE B 249 8.33 4.14 16.62
N VAL B 250 7.00 4.18 16.67
CA VAL B 250 6.25 3.17 17.37
C VAL B 250 5.22 2.57 16.43
N ASP B 251 5.47 1.34 16.04
CA ASP B 251 4.65 0.63 15.11
C ASP B 251 3.41 0.09 15.85
N GLU B 252 2.27 0.77 15.67
CA GLU B 252 1.01 0.42 16.36
C GLU B 252 0.01 -0.16 15.38
N VAL B 253 0.49 -0.93 14.40
CA VAL B 253 -0.35 -1.40 13.31
C VAL B 253 -1.17 -2.63 13.75
N ALA B 254 -0.51 -3.59 14.35
CA ALA B 254 -1.19 -4.76 14.93
C ALA B 254 -1.98 -4.41 16.21
N THR B 255 -1.35 -3.59 17.03
CA THR B 255 -1.78 -3.35 18.41
C THR B 255 -2.80 -2.23 18.57
N GLY B 256 -2.90 -1.35 17.58
CA GLY B 256 -3.73 -0.15 17.69
C GLY B 256 -5.20 -0.44 17.53
N PHE B 257 -6.03 0.55 17.88
CA PHE B 257 -7.50 0.52 17.78
C PHE B 257 -8.12 -0.66 18.53
N GLY B 258 -8.09 -0.54 19.85
CA GLY B 258 -8.52 -1.59 20.78
C GLY B 258 -7.40 -2.59 20.96
N ARG B 259 -7.75 -3.88 20.90
CA ARG B 259 -6.82 -4.98 20.74
C ARG B 259 -5.95 -5.20 21.96
N THR B 260 -5.20 -4.19 22.36
CA THR B 260 -4.38 -4.21 23.56
C THR B 260 -5.16 -3.88 24.82
N GLY B 261 -6.46 -3.59 24.67
CA GLY B 261 -7.22 -3.04 25.77
C GLY B 261 -6.90 -1.58 26.06
N LYS B 262 -6.36 -0.88 25.06
CA LYS B 262 -6.38 0.58 24.99
C LYS B 262 -6.51 1.03 23.52
N MET B 263 -6.69 2.33 23.28
CA MET B 263 -6.83 2.83 21.90
C MET B 263 -5.55 2.58 21.14
N PHE B 264 -4.44 2.88 21.81
CA PHE B 264 -3.12 2.56 21.34
C PHE B 264 -2.32 1.98 22.54
N ALA B 265 -1.65 0.86 22.31
CA ALA B 265 -0.84 0.16 23.32
C ALA B 265 0.19 0.98 24.09
N CYS B 266 0.66 2.08 23.52
CA CYS B 266 1.62 2.95 24.19
C CYS B 266 0.98 3.79 25.33
N GLU B 267 -0.35 3.73 25.47
CA GLU B 267 -1.03 4.26 26.65
C GLU B 267 -0.64 3.53 27.94
N HIS B 268 -0.59 2.21 27.87
CA HIS B 268 -0.10 1.35 28.96
C HIS B 268 1.14 1.89 29.68
N GLU B 269 1.97 2.70 29.03
CA GLU B 269 3.08 3.40 29.72
C GLU B 269 3.16 4.92 29.49
N ASN B 270 2.08 5.53 28.95
CA ASN B 270 2.02 6.99 28.71
C ASN B 270 3.16 7.55 27.82
N VAL B 271 3.50 6.81 26.80
CA VAL B 271 4.55 7.23 25.89
C VAL B 271 3.92 8.10 24.81
N GLN B 272 4.63 9.14 24.41
CA GLN B 272 4.32 9.90 23.20
C GLN B 272 5.42 9.51 22.22
N PRO B 273 5.07 8.71 21.20
CA PRO B 273 6.01 8.52 20.10
C PRO B 273 6.30 9.85 19.41
N ASP B 274 7.47 9.99 18.83
CA ASP B 274 7.72 11.08 17.91
C ASP B 274 6.93 10.86 16.61
N LEU B 275 6.94 9.61 16.14
CA LEU B 275 6.21 9.17 14.95
C LEU B 275 5.53 7.87 15.32
N MET B 276 4.37 7.63 14.73
CA MET B 276 3.64 6.38 15.00
C MET B 276 2.82 5.92 13.79
N ALA B 277 3.00 4.65 13.45
CA ALA B 277 2.33 4.04 12.35
C ALA B 277 1.13 3.28 12.86
N ALA B 278 0.03 3.45 12.18
CA ALA B 278 -1.23 2.79 12.53
C ALA B 278 -1.95 2.27 11.28
N GLY B 279 -2.75 1.22 11.46
CA GLY B 279 -3.60 0.68 10.39
C GLY B 279 -4.52 -0.42 10.89
N LYS B 280 -4.86 -1.35 10.00
CA LYS B 280 -5.62 -2.60 10.31
C LYS B 280 -7.00 -2.30 10.84
N GLY B 281 -7.11 -2.12 12.17
CA GLY B 281 -8.39 -1.85 12.80
C GLY B 281 -8.81 -0.38 12.79
N ILE B 282 -8.28 0.39 11.84
CA ILE B 282 -8.66 1.79 11.69
C ILE B 282 -9.98 1.88 10.92
N THR B 283 -10.29 0.89 10.11
CA THR B 283 -11.51 0.87 9.30
C THR B 283 -12.56 -0.17 9.75
N GLY B 284 -12.31 -0.87 10.86
CA GLY B 284 -13.18 -1.93 11.34
C GLY B 284 -12.81 -3.29 10.77
N GLY B 285 -11.87 -3.31 9.85
CA GLY B 285 -11.55 -4.49 9.10
C GLY B 285 -11.91 -4.37 7.63
N TYR B 286 -12.66 -3.35 7.26
CA TYR B 286 -13.34 -3.31 5.96
C TYR B 286 -12.44 -2.97 4.75
N LEU B 287 -11.63 -1.92 4.87
CA LEU B 287 -10.93 -1.28 3.76
C LEU B 287 -9.50 -0.92 4.15
N PRO B 288 -8.60 -0.67 3.15
CA PRO B 288 -7.19 -0.42 3.43
C PRO B 288 -6.84 1.05 3.58
N ILE B 289 -6.63 1.49 4.80
CA ILE B 289 -6.13 2.84 5.09
C ILE B 289 -5.03 2.65 6.12
N ALA B 290 -4.06 3.55 6.11
CA ALA B 290 -3.07 3.58 7.17
C ALA B 290 -2.75 4.98 7.42
N VAL B 291 -2.07 5.22 8.53
CA VAL B 291 -1.70 6.56 8.96
C VAL B 291 -0.30 6.56 9.55
N THR B 292 0.39 7.69 9.38
CA THR B 292 1.57 8.00 10.18
C THR B 292 1.35 9.31 10.90
N PHE B 293 1.40 9.22 12.21
CA PHE B 293 1.23 10.34 13.09
C PHE B 293 2.58 11.00 13.27
N ALA B 294 2.60 12.29 13.54
CA ALA B 294 3.85 13.02 13.62
C ALA B 294 3.74 14.27 14.50
N THR B 295 4.77 14.48 15.34
CA THR B 295 4.81 15.60 16.24
C THR B 295 4.86 16.85 15.39
N GLU B 296 4.42 17.99 15.92
CA GLU B 296 4.45 19.25 15.16
C GLU B 296 5.88 19.75 14.89
N ASP B 297 6.76 19.62 15.89
CA ASP B 297 8.19 19.87 15.72
C ASP B 297 8.68 19.20 14.43
N ILE B 298 8.31 17.91 14.21
CA ILE B 298 8.67 17.14 12.99
C ILE B 298 8.05 17.74 11.73
N TYR B 299 6.74 18.00 11.74
CA TYR B 299 6.02 18.67 10.63
C TYR B 299 6.76 19.91 10.21
N LYS B 300 7.09 20.75 11.19
CA LYS B 300 7.78 22.04 10.93
C LYS B 300 9.06 21.93 10.13
N ALA B 301 9.84 20.90 10.38
CA ALA B 301 11.06 20.66 9.61
C ALA B 301 10.85 20.52 8.09
N PHE B 302 9.65 20.13 7.66
CA PHE B 302 9.36 19.97 6.21
C PHE B 302 8.65 21.18 5.60
N TYR B 303 8.24 22.12 6.46
CA TYR B 303 7.51 23.37 6.11
C TYR B 303 8.47 24.52 5.83
N ASP B 304 8.47 25.02 4.59
CA ASP B 304 9.31 26.17 4.16
C ASP B 304 8.98 26.42 2.69
N ASP B 305 9.58 27.43 2.07
CA ASP B 305 9.27 27.79 0.68
C ASP B 305 9.59 26.58 -0.21
N TYR B 306 8.89 26.43 -1.33
CA TYR B 306 9.09 25.28 -2.23
C TYR B 306 10.54 25.12 -2.71
N GLU B 307 11.19 26.24 -3.01
CA GLU B 307 12.52 26.26 -3.67
C GLU B 307 13.63 25.49 -2.95
N ASN B 308 13.51 25.35 -1.62
CA ASN B 308 14.54 24.74 -0.77
C ASN B 308 14.59 23.21 -0.83
N LEU B 309 13.60 22.56 -1.45
CA LEU B 309 13.50 21.09 -1.49
C LEU B 309 13.50 20.52 -0.06
N LYS B 310 12.62 21.05 0.81
CA LYS B 310 12.36 20.50 2.16
C LYS B 310 11.15 19.57 2.20
N THR B 311 10.17 19.81 1.33
CA THR B 311 9.05 18.92 1.08
C THR B 311 9.41 17.46 1.22
N PHE B 312 8.69 16.76 2.07
CA PHE B 312 8.68 15.30 2.08
C PHE B 312 8.07 14.81 0.77
N PHE B 313 8.90 14.24 -0.10
CA PHE B 313 8.44 13.76 -1.41
C PHE B 313 8.06 12.31 -1.27
N HIS B 314 6.87 12.06 -0.74
CA HIS B 314 6.32 10.72 -0.72
C HIS B 314 4.80 10.75 -0.89
N GLY B 315 4.26 9.67 -1.42
CA GLY B 315 2.83 9.58 -1.59
C GLY B 315 2.40 8.41 -2.43
N HIS B 316 1.12 8.08 -2.29
CA HIS B 316 0.46 7.09 -3.13
C HIS B 316 -0.85 7.66 -3.65
N SER B 317 -1.38 7.02 -4.68
CA SER B 317 -2.47 7.60 -5.45
C SER B 317 -3.87 7.42 -4.79
N TYR B 318 -4.02 6.42 -3.92
CA TYR B 318 -5.27 6.30 -3.17
C TYR B 318 -5.10 6.71 -1.72
N THR B 319 -4.45 7.85 -1.55
CA THR B 319 -4.16 8.39 -0.23
C THR B 319 -5.31 9.36 0.11
N GLY B 320 -5.96 9.12 1.26
CA GLY B 320 -7.18 9.82 1.70
C GLY B 320 -8.48 9.35 1.04
N ASN B 321 -8.53 8.08 0.64
CA ASN B 321 -9.72 7.48 0.00
C ASN B 321 -11.02 7.84 0.77
N GLN B 322 -12.00 8.40 0.08
CA GLN B 322 -13.18 8.89 0.78
C GLN B 322 -13.88 7.76 1.52
N LEU B 323 -14.06 6.63 0.83
CA LEU B 323 -14.69 5.42 1.33
C LEU B 323 -14.03 4.87 2.57
N GLY B 324 -12.69 4.87 2.54
CA GLY B 324 -11.89 4.39 3.67
C GLY B 324 -12.00 5.33 4.83
N CYS B 325 -11.88 6.61 4.53
CA CYS B 325 -12.03 7.65 5.55
C CYS B 325 -13.42 7.73 6.15
N ALA B 326 -14.44 7.42 5.35
CA ALA B 326 -15.82 7.40 5.79
C ALA B 326 -16.11 6.18 6.67
N VAL B 327 -15.73 4.99 6.23
CA VAL B 327 -15.87 3.79 7.07
C VAL B 327 -15.04 3.85 8.34
N ALA B 328 -13.91 4.52 8.29
CA ALA B 328 -13.06 4.68 9.46
C ALA B 328 -13.66 5.68 10.45
N LEU B 329 -14.29 6.73 9.91
CA LEU B 329 -14.93 7.73 10.75
C LEU B 329 -16.05 7.09 11.59
N GLU B 330 -16.85 6.22 10.98
CA GLU B 330 -17.96 5.55 11.68
C GLU B 330 -17.44 4.43 12.58
N ASN B 331 -16.40 3.70 12.15
CA ASN B 331 -15.65 2.83 13.08
C ASN B 331 -15.13 3.64 14.28
N LEU B 332 -14.53 4.81 14.05
CA LEU B 332 -14.10 5.69 15.18
C LEU B 332 -15.25 6.26 16.06
N ALA B 333 -16.39 6.53 15.44
CA ALA B 333 -17.62 6.82 16.19
C ALA B 333 -18.05 5.63 17.10
N LEU B 334 -18.16 4.42 16.53
CA LEU B 334 -18.49 3.20 17.29
C LEU B 334 -17.57 2.98 18.48
N PHE B 335 -16.28 3.23 18.31
CA PHE B 335 -15.38 3.16 19.45
C PHE B 335 -15.89 4.08 20.58
N GLU B 336 -16.26 5.31 20.26
CA GLU B 336 -16.73 6.26 21.28
C GLU B 336 -18.13 5.97 21.84
N SER B 337 -19.06 5.50 20.99
CA SER B 337 -20.45 5.28 21.43
C SER B 337 -20.55 3.94 22.14
N GLU B 338 -20.43 2.86 21.36
CA GLU B 338 -20.45 1.48 21.88
C GLU B 338 -19.26 1.16 22.84
N ASN B 339 -18.38 2.15 23.09
CA ASN B 339 -17.37 2.09 24.17
C ASN B 339 -16.55 0.79 24.10
N ILE B 340 -16.09 0.48 22.89
CA ILE B 340 -15.57 -0.84 22.55
C ILE B 340 -14.23 -1.12 23.23
N VAL B 341 -13.48 -0.06 23.51
CA VAL B 341 -12.19 -0.19 24.18
C VAL B 341 -12.37 -0.69 25.61
N GLU B 342 -13.30 -0.11 26.34
CA GLU B 342 -13.43 -0.42 27.77
C GLU B 342 -14.01 -1.80 27.98
N GLN B 343 -15.05 -2.12 27.21
CA GLN B 343 -15.54 -3.51 26.99
C GLN B 343 -14.45 -4.60 26.91
N VAL B 344 -13.44 -4.33 26.09
CA VAL B 344 -12.31 -5.25 25.83
C VAL B 344 -11.48 -5.47 27.11
N ALA B 345 -11.27 -4.41 27.88
CA ALA B 345 -10.49 -4.51 29.11
C ALA B 345 -11.16 -5.38 30.19
N GLU B 346 -12.49 -5.53 30.13
CA GLU B 346 -13.25 -6.36 31.07
C GLU B 346 -13.37 -7.81 30.55
N LYS B 347 -13.61 -7.97 29.25
CA LYS B 347 -13.60 -9.30 28.63
C LYS B 347 -12.21 -9.98 28.60
N SER B 348 -11.14 -9.21 28.83
CA SER B 348 -9.79 -9.75 28.91
C SER B 348 -9.58 -10.52 30.20
N LYS B 349 -9.74 -9.85 31.34
CA LYS B 349 -9.78 -10.50 32.69
C LYS B 349 -10.39 -11.91 32.61
N LYS B 350 -11.65 -11.99 32.16
CA LYS B 350 -12.29 -13.29 31.87
C LYS B 350 -11.30 -14.25 31.16
N LEU B 351 -10.80 -13.78 30.03
CA LEU B 351 -9.83 -14.52 29.21
C LEU B 351 -8.44 -14.69 29.87
N HIS B 352 -8.09 -13.91 30.89
CA HIS B 352 -6.86 -14.15 31.68
C HIS B 352 -6.85 -15.57 32.28
N PHE B 353 -7.86 -15.89 33.07
CA PHE B 353 -8.00 -17.20 33.72
C PHE B 353 -8.38 -18.29 32.70
N LEU B 354 -9.32 -17.95 31.82
CA LEU B 354 -9.86 -18.86 30.78
C LEU B 354 -8.82 -19.35 29.77
N LEU B 355 -7.75 -18.58 29.62
CA LEU B 355 -6.61 -18.94 28.80
C LEU B 355 -5.43 -19.46 29.65
N GLN B 356 -5.41 -19.14 30.95
CA GLN B 356 -4.55 -19.87 31.92
C GLN B 356 -4.94 -21.37 32.00
N ASP B 357 -6.18 -21.70 31.63
CA ASP B 357 -6.62 -23.11 31.45
C ASP B 357 -5.80 -23.90 30.41
N LEU B 358 -5.19 -23.22 29.44
CA LEU B 358 -4.30 -23.90 28.48
C LEU B 358 -3.04 -24.54 29.14
N HIS B 359 -2.48 -23.88 30.18
CA HIS B 359 -1.36 -24.45 30.98
C HIS B 359 -1.53 -25.94 31.34
N ALA B 360 -2.78 -26.34 31.57
CA ALA B 360 -3.10 -27.73 31.85
C ALA B 360 -2.55 -28.67 30.79
N LEU B 361 -2.65 -28.31 29.51
CA LEU B 361 -2.14 -29.17 28.43
C LEU B 361 -0.61 -29.41 28.53
N PRO B 362 -0.14 -30.63 28.17
CA PRO B 362 1.27 -30.97 28.43
C PRO B 362 2.28 -30.18 27.58
N HIS B 363 1.97 -30.01 26.29
CA HIS B 363 2.87 -29.42 25.29
C HIS B 363 2.51 -27.96 24.94
N VAL B 364 2.30 -27.12 25.97
CA VAL B 364 1.90 -25.70 25.81
C VAL B 364 2.69 -24.92 26.83
N GLY B 365 3.98 -24.75 26.55
CA GLY B 365 4.96 -24.26 27.52
C GLY B 365 4.91 -22.83 28.00
N ASP B 366 4.18 -21.96 27.28
CA ASP B 366 3.95 -20.56 27.70
C ASP B 366 2.75 -19.95 26.98
N ILE B 367 2.07 -19.09 27.73
CA ILE B 367 0.86 -18.41 27.30
C ILE B 367 1.06 -16.94 27.62
N ARG B 368 0.82 -16.07 26.63
CA ARG B 368 0.95 -14.62 26.81
C ARG B 368 -0.29 -13.90 26.33
N GLN B 369 -0.57 -12.74 26.95
CA GLN B 369 -1.64 -11.85 26.48
C GLN B 369 -1.40 -10.43 26.88
N LEU B 370 -1.92 -9.51 26.07
CA LEU B 370 -2.18 -8.12 26.48
C LEU B 370 -3.43 -7.69 25.75
N GLY B 371 -4.51 -7.47 26.48
CA GLY B 371 -5.82 -7.30 25.87
C GLY B 371 -6.14 -8.54 25.07
N PHE B 372 -6.75 -8.36 23.89
CA PHE B 372 -7.11 -9.48 22.99
C PHE B 372 -5.92 -10.05 22.19
N MET B 373 -4.73 -9.49 22.43
CA MET B 373 -3.55 -9.89 21.73
C MET B 373 -2.93 -11.09 22.44
N CYS B 374 -3.18 -12.30 21.93
CA CYS B 374 -2.82 -13.54 22.65
C CYS B 374 -2.11 -14.61 21.83
N GLY B 375 -1.12 -15.26 22.47
CA GLY B 375 -0.42 -16.41 21.90
C GLY B 375 0.12 -17.44 22.90
N ALA B 376 0.00 -18.71 22.51
CA ALA B 376 0.44 -19.85 23.31
C ALA B 376 1.66 -20.47 22.65
N GLU B 377 2.86 -20.30 23.23
CA GLU B 377 4.08 -20.95 22.70
C GLU B 377 4.04 -22.43 23.04
N LEU B 378 4.17 -23.27 22.01
CA LEU B 378 4.27 -24.71 22.17
C LEU B 378 5.73 -25.19 22.35
N VAL B 379 5.89 -26.14 23.26
CA VAL B 379 7.20 -26.63 23.68
C VAL B 379 7.12 -28.16 23.77
N ARG B 380 8.26 -28.81 23.61
CA ARG B 380 8.32 -30.27 23.69
C ARG B 380 8.49 -30.72 25.12
N SER B 381 9.11 -29.88 25.94
CA SER B 381 9.34 -30.18 27.34
C SER B 381 9.08 -28.95 28.22
N LYS B 382 8.23 -29.11 29.23
CA LYS B 382 7.90 -28.02 30.12
C LYS B 382 9.01 -27.74 31.12
N GLU B 383 9.80 -28.78 31.43
CA GLU B 383 10.88 -28.65 32.35
C GLU B 383 12.01 -27.94 31.64
N THR B 384 12.24 -28.33 30.39
CA THR B 384 13.31 -27.77 29.53
C THR B 384 12.89 -26.65 28.58
N LYS B 385 11.60 -26.49 28.38
CA LYS B 385 11.02 -25.53 27.46
C LYS B 385 11.60 -25.71 26.11
N GLU B 386 12.00 -26.91 25.82
CA GLU B 386 12.66 -27.21 24.55
C GLU B 386 11.66 -27.03 23.43
N PRO B 387 12.02 -26.26 22.38
CA PRO B 387 11.12 -26.17 21.23
C PRO B 387 11.06 -27.45 20.39
N TYR B 388 9.97 -27.65 19.67
CA TYR B 388 9.88 -28.71 18.65
C TYR B 388 10.76 -28.30 17.48
N PRO B 389 11.12 -29.27 16.63
CA PRO B 389 11.74 -28.84 15.39
C PRO B 389 10.73 -28.18 14.47
N ALA B 390 11.24 -27.31 13.60
CA ALA B 390 10.40 -26.51 12.72
C ALA B 390 9.94 -27.30 11.49
N ASP B 391 10.52 -28.48 11.30
CA ASP B 391 10.17 -29.38 10.21
C ASP B 391 9.07 -30.33 10.63
N ARG B 392 8.87 -30.46 11.93
CA ARG B 392 7.76 -31.18 12.52
C ARG B 392 6.45 -30.40 12.42
N ARG B 393 6.53 -29.12 12.06
CA ARG B 393 5.42 -28.44 11.41
C ARG B 393 4.24 -28.22 12.38
N ILE B 394 4.54 -28.15 13.67
CA ILE B 394 3.52 -28.28 14.73
C ILE B 394 2.58 -27.07 14.76
N GLY B 395 3.10 -25.87 14.55
CA GLY B 395 2.25 -24.68 14.48
C GLY B 395 1.20 -24.79 13.38
N TYR B 396 1.65 -25.08 12.17
CA TYR B 396 0.80 -25.30 11.02
C TYR B 396 -0.15 -26.48 11.19
N LYS B 397 0.35 -27.58 11.75
CA LYS B 397 -0.42 -28.84 11.84
C LYS B 397 -1.57 -28.67 12.80
N VAL B 398 -1.33 -27.94 13.88
CA VAL B 398 -2.37 -27.47 14.80
C VAL B 398 -3.45 -26.63 14.08
N SER B 399 -3.02 -25.56 13.41
CA SER B 399 -3.93 -24.66 12.71
C SER B 399 -4.85 -25.36 11.68
N LEU B 400 -4.40 -26.47 11.08
CA LEU B 400 -5.25 -27.28 10.18
C LEU B 400 -6.35 -28.02 10.94
N LYS B 401 -6.01 -28.50 12.14
CA LYS B 401 -6.98 -29.16 13.03
C LYS B 401 -8.00 -28.21 13.67
N MET B 402 -7.72 -26.91 13.70
CA MET B 402 -8.75 -25.92 14.06
C MET B 402 -9.70 -25.72 12.89
N ARG B 403 -9.13 -25.70 11.68
CA ARG B 403 -9.91 -25.65 10.46
C ARG B 403 -10.83 -26.86 10.26
N GLU B 404 -10.42 -28.00 10.81
CA GLU B 404 -11.27 -29.17 10.95
C GLU B 404 -12.48 -28.89 11.86
N LEU B 405 -12.23 -28.27 13.01
CA LEU B 405 -13.24 -28.05 14.06
C LEU B 405 -13.95 -26.67 14.02
N GLY B 406 -14.00 -26.01 12.86
CA GLY B 406 -14.65 -24.70 12.74
C GLY B 406 -13.99 -23.47 13.39
N MET B 407 -12.67 -23.33 13.26
CA MET B 407 -11.94 -22.09 13.70
C MET B 407 -10.75 -21.75 12.79
N LEU B 408 -10.48 -20.46 12.65
CA LEU B 408 -9.34 -19.97 11.85
C LEU B 408 -8.31 -19.19 12.69
N THR B 409 -7.05 -19.51 12.43
CA THR B 409 -5.94 -18.74 12.98
C THR B 409 -4.73 -18.86 12.04
N ARG B 410 -3.62 -18.26 12.46
CA ARG B 410 -2.32 -18.40 11.81
C ARG B 410 -1.29 -18.71 12.89
N PRO B 411 -0.55 -19.82 12.77
CA PRO B 411 0.53 -20.07 13.72
C PRO B 411 1.77 -19.26 13.35
N LEU B 412 2.40 -18.57 14.31
CA LEU B 412 3.68 -17.92 14.10
C LEU B 412 4.75 -18.88 14.54
N GLY B 413 5.22 -19.70 13.60
CA GLY B 413 6.15 -20.78 13.93
C GLY B 413 5.33 -21.80 14.68
N ASP B 414 5.73 -22.11 15.91
CA ASP B 414 4.95 -22.95 16.78
C ASP B 414 4.16 -22.13 17.80
N VAL B 415 4.34 -20.81 17.86
CA VAL B 415 3.40 -19.95 18.61
C VAL B 415 2.08 -19.88 17.85
N ILE B 416 1.02 -20.40 18.44
CA ILE B 416 -0.33 -20.23 17.92
C ILE B 416 -0.82 -18.86 18.36
N ALA B 417 -1.31 -18.08 17.40
CA ALA B 417 -1.84 -16.75 17.65
C ALA B 417 -3.31 -16.87 17.97
N PHE B 418 -3.79 -15.98 18.83
CA PHE B 418 -5.20 -15.85 19.17
C PHE B 418 -5.51 -14.37 19.35
N LEU B 419 -6.04 -13.80 18.27
CA LEU B 419 -6.34 -12.38 18.19
C LEU B 419 -7.73 -12.23 17.59
N PRO B 420 -8.79 -12.46 18.40
CA PRO B 420 -10.17 -12.51 17.89
C PRO B 420 -10.81 -11.12 17.80
N PRO B 421 -11.97 -11.02 17.11
CA PRO B 421 -12.63 -9.72 17.02
C PRO B 421 -12.88 -9.10 18.37
N LEU B 422 -12.88 -7.77 18.41
CA LEU B 422 -13.10 -7.06 19.66
C LEU B 422 -14.58 -7.22 20.07
N ALA B 423 -15.50 -7.16 19.09
CA ALA B 423 -16.92 -7.62 19.26
C ALA B 423 -17.09 -8.89 20.13
N SER B 424 -16.52 -10.00 19.64
CA SER B 424 -16.60 -11.36 20.23
C SER B 424 -16.95 -11.43 21.73
N THR B 425 -18.11 -11.99 22.02
CA THR B 425 -18.65 -11.99 23.38
C THR B 425 -17.91 -13.00 24.24
N ALA B 426 -18.03 -12.80 25.54
CA ALA B 426 -17.31 -13.62 26.54
C ALA B 426 -17.59 -15.14 26.46
N GLU B 427 -18.74 -15.56 25.91
CA GLU B 427 -19.00 -16.98 25.67
C GLU B 427 -18.29 -17.53 24.43
N GLU B 428 -18.20 -16.73 23.37
CA GLU B 428 -17.39 -17.09 22.18
C GLU B 428 -15.90 -17.04 22.51
N LEU B 429 -15.50 -15.97 23.19
CA LEU B 429 -14.17 -15.89 23.76
C LEU B 429 -13.87 -17.24 24.42
N SER B 430 -14.83 -17.73 25.23
CA SER B 430 -14.73 -19.05 25.86
C SER B 430 -14.85 -20.27 24.93
N GLU B 431 -15.70 -20.22 23.90
CA GLU B 431 -15.83 -21.39 23.01
C GLU B 431 -14.56 -21.65 22.18
N MET B 432 -14.10 -20.61 21.47
CA MET B 432 -12.88 -20.64 20.64
C MET B 432 -11.71 -21.27 21.38
N VAL B 433 -11.40 -20.69 22.56
CA VAL B 433 -10.28 -21.15 23.43
C VAL B 433 -10.28 -22.65 23.70
N ALA B 434 -11.46 -23.26 23.79
CA ALA B 434 -11.60 -24.70 23.91
C ALA B 434 -11.38 -25.38 22.55
N ILE B 435 -11.96 -24.86 21.48
CA ILE B 435 -11.72 -25.41 20.13
C ILE B 435 -10.22 -25.37 19.82
N MET B 436 -9.60 -24.30 20.28
CA MET B 436 -8.17 -24.12 20.20
C MET B 436 -7.50 -25.25 20.98
N LYS B 437 -7.79 -25.28 22.28
CA LYS B 437 -7.21 -26.22 23.25
C LYS B 437 -7.43 -27.69 22.86
N GLN B 438 -8.67 -28.04 22.49
CA GLN B 438 -9.02 -29.35 21.91
C GLN B 438 -8.09 -29.73 20.73
N ALA B 439 -7.99 -28.84 19.75
CA ALA B 439 -7.18 -29.08 18.55
C ALA B 439 -5.67 -29.18 18.84
N ILE B 440 -5.18 -28.36 19.77
CA ILE B 440 -3.78 -28.49 20.25
C ILE B 440 -3.57 -29.91 20.76
N HIS B 441 -4.31 -30.28 21.80
CA HIS B 441 -4.16 -31.58 22.46
C HIS B 441 -4.33 -32.78 21.50
N GLU B 442 -5.22 -32.65 20.52
CA GLU B 442 -5.47 -33.76 19.59
C GLU B 442 -4.19 -34.10 18.81
N VAL B 443 -3.48 -33.08 18.32
CA VAL B 443 -2.26 -33.30 17.53
C VAL B 443 -0.99 -33.33 18.38
N THR B 444 -0.95 -32.57 19.47
CA THR B 444 0.26 -32.44 20.29
C THR B 444 0.56 -33.68 21.14
N SER B 445 -0.45 -34.53 21.29
CA SER B 445 -0.30 -35.92 21.75
C SER B 445 0.56 -36.73 20.78
N LEU B 446 0.28 -36.61 19.48
CA LEU B 446 1.17 -37.14 18.44
C LEU B 446 2.45 -36.33 18.39
#